data_3V4S
#
_entry.id   3V4S
#
_cell.length_a   57.744
_cell.length_b   82.870
_cell.length_c   167.928
_cell.angle_alpha   90.00
_cell.angle_beta   90.00
_cell.angle_gamma   90.00
#
_symmetry.space_group_name_H-M   'P 21 21 21'
#
loop_
_entity.id
_entity.type
_entity.pdbx_description
1 polymer 'Phosphoribosylaminoimidazole carboxylase, ATPase subunit'
2 non-polymer "ADENOSINE-5'-DIPHOSPHATE"
3 non-polymer 'MAGNESIUM ION'
4 non-polymer 'CARBONATE ION'
5 non-polymer "ADENOSINE-5'-TRIPHOSPHATE"
6 water water
#
_entity_poly.entity_id   1
_entity_poly.type   'polypeptide(L)'
_entity_poly.pdbx_seq_one_letter_code
;GSHMLDMTRIILPGKTIGIIGGGQLGRMMALAAKEMGYKIAVLDPTKNSPCAQVADIEIVASYDDLKAIQHLAEISDVVT
YEFENIDYRCLQWLEKHAYLPQGSQLLSKTQNRFTEKNAIEKAGLPVATYRLVQNQEQLTEAIAELSYPSVLKTTTGGYD
GKGQVVLRSEADVDEARKLANAAECILEKWVPFEKEVSVIVIRSVSGETKVFPVAENIHVNNILHESIVPARITEELSQK
AIAYAKVLADELELVGTLAVEMFATADGEIYINELAPRPHNSGHYTQDACETSQFGQHIRAICNLPLGETNLLKPVVMVN
ILGEHIEGVLRQVNRLTGCYLHLYGKEEAKAQRKMGHVNILNDNIEVALEKAKSLHIWDHQEQLLEG
;
_entity_poly.pdbx_strand_id   A,B
#
loop_
_chem_comp.id
_chem_comp.type
_chem_comp.name
_chem_comp.formula
ADP non-polymer ADENOSINE-5'-DIPHOSPHATE 'C10 H15 N5 O10 P2'
ATP non-polymer ADENOSINE-5'-TRIPHOSPHATE 'C10 H16 N5 O13 P3'
CO3 non-polymer 'CARBONATE ION' 'C O3 -2'
MG non-polymer 'MAGNESIUM ION' 'Mg 2'
#
# COMPACT_ATOMS: atom_id res chain seq x y z
N THR A 8 17.29 14.75 -14.13
CA THR A 8 16.85 15.99 -14.87
C THR A 8 15.35 16.43 -14.59
N ARG A 9 14.44 16.09 -15.50
CA ARG A 9 13.00 16.39 -15.42
C ARG A 9 12.21 15.64 -14.32
N ILE A 10 11.32 16.33 -13.61
CA ILE A 10 10.54 15.72 -12.52
C ILE A 10 9.04 15.76 -12.82
N ILE A 11 8.35 14.63 -12.63
CA ILE A 11 6.88 14.57 -12.80
C ILE A 11 6.26 14.61 -11.41
N LEU A 12 5.63 15.74 -11.09
CA LEU A 12 5.11 16.00 -9.73
C LEU A 12 3.79 15.34 -9.45
N PRO A 13 3.55 14.99 -8.17
CA PRO A 13 2.23 14.54 -7.76
C PRO A 13 1.15 15.47 -8.31
N GLY A 14 0.01 14.92 -8.70
CA GLY A 14 -1.02 15.74 -9.30
C GLY A 14 -1.04 15.58 -10.80
N LYS A 15 0.09 15.19 -11.39
CA LYS A 15 0.16 14.93 -12.84
C LYS A 15 -0.42 13.55 -13.16
N THR A 16 -0.64 13.27 -14.45
CA THR A 16 -1.19 11.98 -14.88
C THR A 16 -0.12 11.00 -15.36
N ILE A 17 -0.10 9.80 -14.81
CA ILE A 17 0.77 8.74 -15.31
C ILE A 17 -0.07 7.85 -16.23
N GLY A 18 0.37 7.71 -17.48
CA GLY A 18 -0.32 6.84 -18.44
C GLY A 18 0.38 5.50 -18.52
N ILE A 19 -0.40 4.42 -18.52
CA ILE A 19 0.12 3.06 -18.50
C ILE A 19 -0.42 2.28 -19.72
N ILE A 20 0.49 1.73 -20.51
CA ILE A 20 0.15 0.83 -21.62
C ILE A 20 0.06 -0.58 -21.06
N GLY A 21 -1.16 -1.10 -20.97
CA GLY A 21 -1.42 -2.42 -20.40
C GLY A 21 -2.17 -2.27 -19.09
N GLY A 22 -3.35 -2.86 -18.99
CA GLY A 22 -4.20 -2.72 -17.79
C GLY A 22 -4.28 -3.97 -16.92
N GLY A 23 -3.33 -4.89 -17.05
CA GLY A 23 -3.29 -6.09 -16.20
C GLY A 23 -2.90 -5.75 -14.75
N GLN A 24 -2.60 -6.77 -13.97
CA GLN A 24 -2.31 -6.56 -12.53
C GLN A 24 -1.08 -5.69 -12.24
N LEU A 25 -0.07 -5.72 -13.11
CA LEU A 25 1.13 -4.88 -12.88
C LEU A 25 0.75 -3.42 -13.04
N GLY A 26 0.00 -3.10 -14.09
CA GLY A 26 -0.56 -1.75 -14.24
C GLY A 26 -1.42 -1.36 -13.03
N ARG A 27 -2.26 -2.28 -12.57
CA ARG A 27 -3.13 -1.98 -11.41
C ARG A 27 -2.32 -1.65 -10.17
N MET A 28 -1.32 -2.46 -9.89
CA MET A 28 -0.47 -2.22 -8.73
C MET A 28 0.42 -0.98 -8.87
N MET A 29 0.87 -0.67 -10.10
CA MET A 29 1.50 0.64 -10.33
C MET A 29 0.54 1.79 -9.99
N ALA A 30 -0.71 1.67 -10.43
CA ALA A 30 -1.72 2.73 -10.26
C ALA A 30 -2.06 2.96 -8.77
N LEU A 31 -2.17 1.87 -8.02
CA LEU A 31 -2.44 1.95 -6.59
C LEU A 31 -1.32 2.65 -5.81
N ALA A 32 -0.07 2.33 -6.13
CA ALA A 32 1.07 2.99 -5.50
C ALA A 32 1.10 4.46 -5.91
N ALA A 33 0.80 4.74 -7.18
CA ALA A 33 0.80 6.12 -7.66
C ALA A 33 -0.28 6.98 -7.00
N LYS A 34 -1.44 6.37 -6.74
CA LYS A 34 -2.57 7.06 -6.13
C LYS A 34 -2.27 7.51 -4.70
N GLU A 35 -1.50 6.69 -3.97
CA GLU A 35 -1.09 7.07 -2.60
C GLU A 35 -0.32 8.37 -2.64
N MET A 36 0.43 8.60 -3.72
CA MET A 36 1.26 9.79 -3.83
C MET A 36 0.56 10.94 -4.53
N GLY A 37 -0.72 10.75 -4.85
CA GLY A 37 -1.55 11.79 -5.45
C GLY A 37 -1.46 11.96 -6.97
N TYR A 38 -1.07 10.92 -7.70
CA TYR A 38 -1.02 10.98 -9.14
C TYR A 38 -2.35 10.58 -9.72
N LYS A 39 -2.67 11.11 -10.89
CA LYS A 39 -3.81 10.62 -11.67
C LYS A 39 -3.33 9.51 -12.58
N ILE A 40 -4.25 8.66 -13.04
CA ILE A 40 -3.84 7.51 -13.84
C ILE A 40 -4.70 7.39 -15.08
N ALA A 41 -4.04 7.22 -16.22
CA ALA A 41 -4.72 6.87 -17.46
C ALA A 41 -4.17 5.52 -17.93
N VAL A 42 -5.04 4.68 -18.48
CA VAL A 42 -4.61 3.36 -18.92
C VAL A 42 -5.15 3.00 -20.32
N LEU A 43 -4.31 2.30 -21.09
CA LEU A 43 -4.73 1.70 -22.36
C LEU A 43 -4.64 0.19 -22.26
N ASP A 44 -5.72 -0.50 -22.63
CA ASP A 44 -5.82 -1.95 -22.57
C ASP A 44 -6.84 -2.40 -23.61
N PRO A 45 -6.64 -3.56 -24.26
CA PRO A 45 -7.60 -3.99 -25.29
C PRO A 45 -8.99 -4.36 -24.75
N THR A 46 -9.12 -4.58 -23.44
CA THR A 46 -10.39 -5.02 -22.88
C THR A 46 -10.90 -4.05 -21.85
N LYS A 47 -12.17 -3.71 -21.95
CA LYS A 47 -12.81 -2.85 -20.97
C LYS A 47 -12.80 -3.46 -19.56
N ASN A 48 -12.79 -2.59 -18.55
CA ASN A 48 -12.86 -2.98 -17.13
C ASN A 48 -11.65 -3.80 -16.65
N SER A 49 -10.48 -3.56 -17.24
CA SER A 49 -9.24 -4.27 -16.87
C SER A 49 -8.89 -4.00 -15.41
N PRO A 50 -8.05 -4.87 -14.78
CA PRO A 50 -7.60 -4.62 -13.41
C PRO A 50 -7.15 -3.18 -13.15
N CYS A 51 -6.44 -2.59 -14.11
CA CYS A 51 -5.91 -1.23 -13.92
C CYS A 51 -6.99 -0.17 -14.12
N ALA A 52 -7.86 -0.38 -15.11
CA ALA A 52 -8.97 0.52 -15.38
C ALA A 52 -9.83 0.71 -14.13
N GLN A 53 -9.94 -0.33 -13.31
CA GLN A 53 -10.71 -0.29 -12.07
C GLN A 53 -10.17 0.67 -11.03
N VAL A 54 -8.93 1.13 -11.25
CA VAL A 54 -8.24 2.04 -10.34
C VAL A 54 -7.88 3.35 -11.06
N ALA A 55 -8.07 3.39 -12.38
CA ALA A 55 -7.63 4.52 -13.18
C ALA A 55 -8.67 5.62 -13.29
N ASP A 56 -8.22 6.84 -13.57
CA ASP A 56 -9.13 7.97 -13.82
C ASP A 56 -9.68 7.97 -15.24
N ILE A 57 -8.84 7.53 -16.17
CA ILE A 57 -9.18 7.54 -17.59
C ILE A 57 -8.83 6.17 -18.13
N GLU A 58 -9.74 5.60 -18.91
CA GLU A 58 -9.56 4.31 -19.55
C GLU A 58 -9.68 4.47 -21.07
N ILE A 59 -8.74 3.92 -21.82
CA ILE A 59 -8.79 3.93 -23.29
C ILE A 59 -8.77 2.49 -23.73
N VAL A 60 -9.84 2.03 -24.37
CA VAL A 60 -9.93 0.64 -24.78
C VAL A 60 -9.52 0.53 -26.24
N ALA A 61 -8.39 -0.13 -26.50
CA ALA A 61 -7.86 -0.21 -27.85
C ALA A 61 -6.74 -1.23 -27.93
N SER A 62 -6.34 -1.59 -29.16
CA SER A 62 -5.24 -2.52 -29.36
C SER A 62 -3.91 -1.85 -29.08
N TYR A 63 -2.94 -2.66 -28.63
CA TYR A 63 -1.59 -2.17 -28.36
C TYR A 63 -0.83 -1.66 -29.60
N ASP A 64 -1.26 -2.11 -30.78
CA ASP A 64 -0.64 -1.65 -32.03
C ASP A 64 -1.39 -0.50 -32.71
N ASP A 65 -2.41 0.03 -32.02
CA ASP A 65 -3.25 1.12 -32.53
C ASP A 65 -2.57 2.46 -32.19
N LEU A 66 -1.83 3.02 -33.16
CA LEU A 66 -0.98 4.19 -32.89
C LEU A 66 -1.81 5.40 -32.46
N LYS A 67 -2.98 5.55 -33.07
CA LYS A 67 -3.91 6.61 -32.72
C LYS A 67 -4.33 6.57 -31.25
N ALA A 68 -4.68 5.39 -30.74
CA ALA A 68 -5.00 5.24 -29.31
C ALA A 68 -3.76 5.49 -28.42
N ILE A 69 -2.62 4.96 -28.82
CA ILE A 69 -1.33 5.20 -28.14
C ILE A 69 -1.08 6.72 -28.04
N GLN A 70 -1.35 7.44 -29.14
CA GLN A 70 -1.16 8.88 -29.20
C GLN A 70 -2.12 9.60 -28.26
N HIS A 71 -3.34 9.09 -28.18
CA HIS A 71 -4.33 9.68 -27.28
C HIS A 71 -3.97 9.48 -25.82
N LEU A 72 -3.48 8.29 -25.46
CA LEU A 72 -2.92 8.08 -24.12
C LEU A 72 -1.79 9.07 -23.83
N ALA A 73 -0.87 9.19 -24.77
CA ALA A 73 0.32 10.02 -24.57
C ALA A 73 -0.07 11.49 -24.35
N GLU A 74 -1.00 11.97 -25.16
CA GLU A 74 -1.36 13.38 -25.17
C GLU A 74 -2.13 13.83 -23.92
N ILE A 75 -2.70 12.89 -23.17
CA ILE A 75 -3.32 13.22 -21.90
C ILE A 75 -2.44 12.85 -20.69
N SER A 76 -1.23 12.37 -20.94
CA SER A 76 -0.36 11.87 -19.86
C SER A 76 0.88 12.72 -19.72
N ASP A 77 1.33 12.98 -18.49
CA ASP A 77 2.57 13.74 -18.25
C ASP A 77 3.81 12.84 -18.29
N VAL A 78 3.58 11.55 -18.09
CA VAL A 78 4.63 10.51 -18.22
C VAL A 78 3.92 9.22 -18.62
N VAL A 79 4.55 8.46 -19.52
CA VAL A 79 4.02 7.19 -20.01
C VAL A 79 4.99 6.07 -19.62
N THR A 80 4.42 4.96 -19.12
CA THR A 80 5.15 3.75 -18.82
C THR A 80 4.30 2.58 -19.35
N TYR A 81 4.73 1.34 -19.13
CA TYR A 81 4.06 0.18 -19.71
C TYR A 81 4.15 -0.99 -18.77
N GLU A 82 3.14 -1.86 -18.82
CA GLU A 82 3.36 -3.23 -18.35
C GLU A 82 3.48 -4.20 -19.54
N PHE A 83 2.79 -3.90 -20.63
CA PHE A 83 2.84 -4.70 -21.83
C PHE A 83 4.13 -4.41 -22.58
N GLU A 84 4.91 -5.44 -22.86
CA GLU A 84 6.29 -5.28 -23.33
C GLU A 84 6.42 -5.26 -24.86
N ASN A 85 5.44 -5.86 -25.54
CA ASN A 85 5.50 -6.08 -26.97
C ASN A 85 5.02 -4.90 -27.81
N ILE A 86 5.33 -3.67 -27.42
CA ILE A 86 4.92 -2.52 -28.20
C ILE A 86 5.81 -2.48 -29.44
N ASP A 87 5.23 -2.31 -30.63
CA ASP A 87 6.04 -2.33 -31.86
C ASP A 87 6.90 -1.08 -32.03
N TYR A 88 7.82 -1.13 -32.98
CA TYR A 88 8.78 -0.07 -33.16
C TYR A 88 8.19 1.28 -33.51
N ARG A 89 7.14 1.30 -34.33
CA ARG A 89 6.59 2.59 -34.77
C ARG A 89 5.88 3.34 -33.62
N CYS A 90 5.23 2.58 -32.75
CA CYS A 90 4.61 3.12 -31.54
C CYS A 90 5.67 3.56 -30.54
N LEU A 91 6.71 2.73 -30.35
CA LEU A 91 7.81 3.09 -29.43
C LEU A 91 8.55 4.33 -29.86
N GLN A 92 8.83 4.47 -31.16
CA GLN A 92 9.54 5.67 -31.63
C GLN A 92 8.73 6.94 -31.43
N TRP A 93 7.43 6.85 -31.74
CA TRP A 93 6.55 7.98 -31.58
C TRP A 93 6.53 8.41 -30.12
N LEU A 94 6.31 7.45 -29.22
CA LEU A 94 6.27 7.72 -27.77
C LEU A 94 7.56 8.37 -27.29
N GLU A 95 8.68 7.76 -27.64
CA GLU A 95 9.97 8.25 -27.14
C GLU A 95 10.24 9.68 -27.60
N LYS A 96 9.80 10.01 -28.81
CA LYS A 96 10.06 11.32 -29.37
C LYS A 96 8.98 12.37 -29.09
N HIS A 97 7.71 11.97 -29.00
CA HIS A 97 6.61 12.94 -28.82
C HIS A 97 5.86 12.83 -27.53
N ALA A 98 6.17 11.81 -26.75
CA ALA A 98 5.60 11.71 -25.43
C ALA A 98 6.76 11.75 -24.45
N TYR A 99 6.49 11.67 -23.15
CA TYR A 99 7.58 11.54 -22.20
C TYR A 99 7.63 10.08 -21.74
N LEU A 100 8.56 9.33 -22.31
CA LEU A 100 8.76 7.91 -22.01
C LEU A 100 10.19 7.77 -21.51
N PRO A 101 10.44 8.13 -20.23
CA PRO A 101 11.80 8.14 -19.70
C PRO A 101 12.47 6.77 -19.70
N GLN A 102 11.71 5.67 -19.70
CA GLN A 102 12.32 4.35 -19.80
C GLN A 102 13.04 4.15 -21.15
N GLY A 103 12.62 4.90 -22.18
CA GLY A 103 13.16 4.74 -23.54
C GLY A 103 12.79 3.40 -24.16
N SER A 104 13.29 3.14 -25.37
CA SER A 104 12.92 1.96 -26.16
C SER A 104 14.07 0.94 -26.33
N GLN A 105 15.29 1.40 -26.07
CA GLN A 105 16.48 0.61 -26.30
C GLN A 105 16.50 -0.66 -25.43
N LEU A 106 16.29 -0.51 -24.13
CA LEU A 106 16.31 -1.68 -23.26
C LEU A 106 15.23 -2.68 -23.65
N LEU A 107 14.04 -2.16 -23.94
CA LEU A 107 12.91 -3.00 -24.29
C LEU A 107 13.22 -3.84 -25.54
N SER A 108 13.84 -3.20 -26.53
CA SER A 108 14.24 -3.87 -27.78
C SER A 108 15.20 -5.04 -27.53
N LYS A 109 16.19 -4.81 -26.68
CA LYS A 109 17.14 -5.84 -26.27
C LYS A 109 16.50 -7.01 -25.54
N THR A 110 15.48 -6.76 -24.71
CA THR A 110 14.91 -7.84 -23.89
C THR A 110 13.83 -8.64 -24.60
N GLN A 111 13.41 -8.19 -25.77
CA GLN A 111 12.31 -8.85 -26.48
C GLN A 111 12.73 -10.02 -27.37
N ASN A 112 14.03 -10.20 -27.54
CA ASN A 112 14.55 -11.31 -28.34
C ASN A 112 15.59 -12.05 -27.49
N ARG A 113 15.41 -13.34 -27.24
CA ARG A 113 16.32 -14.07 -26.35
C ARG A 113 17.80 -14.02 -26.77
N PHE A 114 18.05 -14.05 -28.08
CA PHE A 114 19.45 -13.96 -28.57
C PHE A 114 20.05 -12.58 -28.38
N THR A 115 19.30 -11.55 -28.74
CA THR A 115 19.72 -10.17 -28.52
C THR A 115 19.96 -9.92 -27.04
N GLU A 116 19.08 -10.49 -26.21
CA GLU A 116 19.19 -10.38 -24.77
C GLU A 116 20.48 -10.98 -24.20
N LYS A 117 20.75 -12.25 -24.54
CA LYS A 117 21.99 -12.91 -24.09
C LYS A 117 23.23 -12.17 -24.60
N ASN A 118 23.16 -11.65 -25.82
CA ASN A 118 24.26 -10.81 -26.33
C ASN A 118 24.53 -9.56 -25.50
N ALA A 119 23.46 -8.85 -25.17
CA ALA A 119 23.58 -7.64 -24.34
C ALA A 119 24.12 -7.99 -22.96
N ILE A 120 23.67 -9.10 -22.38
CA ILE A 120 24.16 -9.54 -21.05
C ILE A 120 25.67 -9.80 -21.07
N GLU A 121 26.14 -10.53 -22.09
CA GLU A 121 27.57 -10.83 -22.22
C GLU A 121 28.39 -9.58 -22.51
N LYS A 122 27.87 -8.70 -23.35
CA LYS A 122 28.52 -7.40 -23.62
C LYS A 122 28.61 -6.57 -22.35
N ALA A 123 27.66 -6.76 -21.44
CA ALA A 123 27.71 -6.08 -20.14
C ALA A 123 28.71 -6.72 -19.21
N GLY A 124 29.35 -7.81 -19.66
CA GLY A 124 30.38 -8.51 -18.89
C GLY A 124 29.89 -9.61 -17.95
N LEU A 125 28.66 -10.09 -18.13
CA LEU A 125 28.05 -11.05 -17.20
C LEU A 125 27.85 -12.45 -17.81
N PRO A 126 27.86 -13.50 -16.96
CA PRO A 126 27.77 -14.89 -17.46
C PRO A 126 26.35 -15.33 -17.78
N VAL A 127 26.20 -16.13 -18.83
CA VAL A 127 24.92 -16.76 -19.20
C VAL A 127 25.31 -18.15 -19.69
N ALA A 128 24.33 -19.04 -19.80
CA ALA A 128 24.61 -20.36 -20.37
C ALA A 128 25.07 -20.22 -21.82
N THR A 129 25.99 -21.09 -22.22
CA THR A 129 26.47 -21.16 -23.61
C THR A 129 25.27 -21.34 -24.53
N TYR A 130 25.25 -20.59 -25.62
CA TYR A 130 24.06 -20.54 -26.45
C TYR A 130 24.43 -20.37 -27.92
N ARG A 131 23.51 -20.76 -28.81
CA ARG A 131 23.73 -20.64 -30.25
C ARG A 131 22.43 -20.25 -30.90
N LEU A 132 22.53 -19.33 -31.87
CA LEU A 132 21.37 -18.98 -32.69
C LEU A 132 20.96 -20.15 -33.57
N VAL A 133 19.66 -20.39 -33.68
CA VAL A 133 19.14 -21.48 -34.52
C VAL A 133 18.03 -20.95 -35.45
N GLN A 134 18.38 -20.83 -36.74
CA GLN A 134 17.48 -20.23 -37.72
C GLN A 134 17.06 -21.26 -38.79
N ASN A 135 17.77 -22.37 -38.85
CA ASN A 135 17.39 -23.48 -39.72
C ASN A 135 17.81 -24.82 -39.12
N GLN A 136 17.53 -25.91 -39.82
CA GLN A 136 17.83 -27.26 -39.33
C GLN A 136 19.31 -27.55 -39.22
N GLU A 137 20.09 -26.98 -40.13
CA GLU A 137 21.54 -27.17 -40.13
C GLU A 137 22.22 -26.50 -38.93
N GLN A 138 21.74 -25.32 -38.56
CA GLN A 138 22.24 -24.65 -37.36
C GLN A 138 21.86 -25.43 -36.08
N LEU A 139 20.66 -26.01 -36.07
CA LEU A 139 20.24 -26.84 -34.93
C LEU A 139 21.17 -28.04 -34.80
N THR A 140 21.43 -28.70 -35.94
CA THR A 140 22.38 -29.80 -36.01
C THR A 140 23.74 -29.43 -35.44
N GLU A 141 24.38 -28.41 -36.00
CA GLU A 141 25.67 -27.95 -35.52
C GLU A 141 25.61 -27.59 -34.01
N ALA A 142 24.55 -26.89 -33.60
CA ALA A 142 24.41 -26.49 -32.20
C ALA A 142 24.28 -27.68 -31.26
N ILE A 143 23.44 -28.66 -31.62
CA ILE A 143 23.35 -29.89 -30.83
C ILE A 143 24.74 -30.54 -30.72
N ALA A 144 25.49 -30.57 -31.82
CA ALA A 144 26.83 -31.11 -31.82
C ALA A 144 27.75 -30.37 -30.83
N GLU A 145 27.76 -29.04 -30.91
CA GLU A 145 28.62 -28.20 -30.06
C GLU A 145 28.29 -28.28 -28.57
N LEU A 146 27.00 -28.25 -28.24
CA LEU A 146 26.59 -28.09 -26.83
C LEU A 146 26.26 -29.42 -26.15
N SER A 147 26.00 -30.43 -26.97
CA SER A 147 25.67 -31.79 -26.52
C SER A 147 24.44 -31.85 -25.62
N TYR A 148 24.25 -32.97 -24.93
CA TYR A 148 23.11 -33.18 -24.07
C TYR A 148 23.53 -33.03 -22.61
N PRO A 149 22.65 -32.47 -21.76
CA PRO A 149 21.34 -31.90 -22.13
C PRO A 149 21.44 -30.45 -22.63
N SER A 150 20.37 -29.98 -23.27
CA SER A 150 20.32 -28.62 -23.79
C SER A 150 18.86 -28.25 -23.94
N VAL A 151 18.60 -26.97 -24.13
CA VAL A 151 17.25 -26.47 -24.22
C VAL A 151 17.15 -25.56 -25.45
N LEU A 152 16.16 -25.85 -26.29
CA LEU A 152 15.85 -25.06 -27.47
C LEU A 152 14.66 -24.20 -27.13
N LYS A 153 14.81 -22.90 -27.27
CA LYS A 153 13.71 -21.97 -27.01
C LYS A 153 13.52 -21.02 -28.18
N THR A 154 12.28 -20.65 -28.45
CA THR A 154 12.02 -19.59 -29.42
C THR A 154 12.64 -18.28 -28.93
N THR A 155 13.16 -17.46 -29.84
CA THR A 155 13.80 -16.20 -29.50
C THR A 155 12.76 -15.14 -29.10
N THR A 156 11.55 -15.24 -29.64
CA THR A 156 10.47 -14.29 -29.32
C THR A 156 9.15 -14.98 -28.96
N GLY A 157 8.20 -14.22 -28.43
CA GLY A 157 6.87 -14.72 -28.09
C GLY A 157 6.78 -15.59 -26.83
N GLY A 158 7.91 -16.12 -26.39
CA GLY A 158 7.97 -17.07 -25.29
C GLY A 158 7.66 -16.51 -23.91
N TYR A 159 6.67 -17.10 -23.25
CA TYR A 159 6.34 -16.79 -21.86
C TYR A 159 5.66 -18.00 -21.22
N ASP A 160 5.85 -18.17 -19.91
CA ASP A 160 5.32 -19.31 -19.13
C ASP A 160 5.71 -20.71 -19.67
N GLY A 161 6.77 -20.76 -20.48
CA GLY A 161 7.38 -22.03 -20.89
C GLY A 161 7.16 -22.48 -22.32
N LYS A 162 6.03 -22.10 -22.91
CA LYS A 162 5.65 -22.60 -24.22
C LYS A 162 6.56 -22.12 -25.36
N GLY A 163 6.89 -23.04 -26.26
CA GLY A 163 7.91 -22.81 -27.28
C GLY A 163 9.27 -23.17 -26.72
N GLN A 164 9.37 -24.38 -26.16
CA GLN A 164 10.59 -24.86 -25.54
C GLN A 164 10.67 -26.38 -25.62
N VAL A 165 11.86 -26.88 -25.94
CA VAL A 165 12.12 -28.32 -26.00
C VAL A 165 13.41 -28.62 -25.24
N VAL A 166 13.30 -29.45 -24.20
CA VAL A 166 14.48 -29.90 -23.45
C VAL A 166 15.04 -31.12 -24.17
N LEU A 167 16.31 -31.06 -24.54
CA LEU A 167 16.94 -32.15 -25.29
C LEU A 167 17.81 -32.99 -24.37
N ARG A 168 17.24 -34.08 -23.86
CA ARG A 168 17.97 -34.98 -22.98
C ARG A 168 18.74 -36.05 -23.76
N SER A 169 18.15 -36.51 -24.86
CA SER A 169 18.79 -37.53 -25.70
C SER A 169 18.53 -37.28 -27.19
N GLU A 170 19.25 -38.02 -28.03
CA GLU A 170 18.98 -38.10 -29.46
C GLU A 170 17.49 -38.28 -29.78
N ALA A 171 16.77 -38.93 -28.86
CA ALA A 171 15.34 -39.17 -29.03
C ALA A 171 14.50 -37.89 -29.00
N ASP A 172 15.11 -36.79 -28.55
CA ASP A 172 14.42 -35.49 -28.47
C ASP A 172 14.61 -34.57 -29.69
N VAL A 173 15.62 -34.89 -30.51
CA VAL A 173 15.97 -34.12 -31.70
C VAL A 173 14.75 -33.84 -32.57
N ASP A 174 13.85 -34.82 -32.64
CA ASP A 174 12.67 -34.76 -33.49
C ASP A 174 11.70 -33.63 -33.12
N GLU A 175 11.31 -33.54 -31.85
CA GLU A 175 10.43 -32.46 -31.40
C GLU A 175 11.14 -31.11 -31.50
N ALA A 176 12.46 -31.14 -31.39
CA ALA A 176 13.32 -29.95 -31.52
C ALA A 176 13.33 -29.42 -32.96
N ARG A 177 13.61 -30.30 -33.94
CA ARG A 177 13.54 -29.93 -35.36
C ARG A 177 12.18 -29.32 -35.68
N LYS A 178 11.15 -29.89 -35.06
CA LYS A 178 9.76 -29.42 -35.19
C LYS A 178 9.61 -27.98 -34.70
N LEU A 179 10.17 -27.67 -33.54
CA LEU A 179 10.16 -26.29 -33.00
C LEU A 179 10.96 -25.33 -33.89
N ALA A 180 12.17 -25.76 -34.28
CA ALA A 180 13.04 -24.95 -35.14
C ALA A 180 12.38 -24.68 -36.49
N ASN A 181 11.55 -25.60 -36.94
CA ASN A 181 10.72 -25.41 -38.13
C ASN A 181 9.73 -24.25 -37.98
N ALA A 182 9.15 -24.10 -36.79
CA ALA A 182 8.08 -23.13 -36.59
C ALA A 182 8.59 -21.73 -36.29
N ALA A 183 9.76 -21.64 -35.65
CA ALA A 183 10.24 -20.36 -35.14
C ALA A 183 11.75 -20.29 -35.02
N GLU A 184 12.29 -19.08 -35.12
CA GLU A 184 13.68 -18.82 -34.79
C GLU A 184 13.89 -19.20 -33.34
N CYS A 185 15.01 -19.86 -33.05
CA CYS A 185 15.29 -20.35 -31.70
C CYS A 185 16.71 -20.05 -31.24
N ILE A 186 16.93 -20.32 -29.96
CA ILE A 186 18.28 -20.42 -29.41
C ILE A 186 18.38 -21.80 -28.79
N LEU A 187 19.56 -22.41 -28.93
CA LEU A 187 19.90 -23.59 -28.16
C LEU A 187 20.85 -23.18 -27.05
N GLU A 188 20.47 -23.52 -25.82
CA GLU A 188 21.28 -23.22 -24.64
C GLU A 188 21.76 -24.50 -23.99
N LYS A 189 23.00 -24.47 -23.50
CA LYS A 189 23.52 -25.53 -22.64
C LYS A 189 22.71 -25.57 -21.36
N TRP A 190 22.33 -26.78 -20.94
CA TRP A 190 21.61 -26.98 -19.68
C TRP A 190 22.46 -26.59 -18.51
N VAL A 191 21.93 -25.73 -17.65
CA VAL A 191 22.64 -25.33 -16.44
C VAL A 191 22.15 -26.24 -15.32
N PRO A 192 23.05 -27.05 -14.73
CA PRO A 192 22.72 -27.82 -13.53
C PRO A 192 22.69 -26.88 -12.32
N PHE A 193 21.53 -26.33 -12.01
CA PHE A 193 21.45 -25.32 -10.96
C PHE A 193 20.74 -25.92 -9.76
N GLU A 194 21.00 -25.36 -8.59
CA GLU A 194 20.35 -25.73 -7.35
C GLU A 194 19.06 -24.89 -7.16
N LYS A 195 19.16 -23.58 -7.33
CA LYS A 195 18.03 -22.65 -7.13
C LYS A 195 17.88 -21.70 -8.31
N GLU A 196 16.64 -21.29 -8.57
CA GLU A 196 16.36 -20.14 -9.43
C GLU A 196 16.10 -18.95 -8.55
N VAL A 197 16.74 -17.83 -8.86
CA VAL A 197 16.65 -16.62 -8.04
C VAL A 197 16.45 -15.40 -8.95
N SER A 198 15.95 -14.31 -8.37
CA SER A 198 15.81 -13.07 -9.09
C SER A 198 16.07 -11.87 -8.19
N VAL A 199 16.47 -10.80 -8.85
CA VAL A 199 16.72 -9.54 -8.19
C VAL A 199 16.00 -8.48 -8.99
N ILE A 200 15.21 -7.68 -8.30
CA ILE A 200 14.61 -6.51 -8.92
C ILE A 200 15.55 -5.34 -8.66
N VAL A 201 15.96 -4.62 -9.70
CA VAL A 201 16.78 -3.43 -9.50
C VAL A 201 16.06 -2.17 -10.05
N ILE A 202 16.21 -1.05 -9.37
CA ILE A 202 15.54 0.20 -9.75
C ILE A 202 16.60 1.26 -10.05
N ARG A 203 16.40 2.00 -11.14
CA ARG A 203 17.27 3.13 -11.44
C ARG A 203 16.42 4.30 -11.93
N SER A 204 16.55 5.44 -11.25
CA SER A 204 15.70 6.58 -11.57
C SER A 204 16.23 7.32 -12.81
N VAL A 205 15.41 8.23 -13.34
CA VAL A 205 15.77 9.10 -14.45
C VAL A 205 17.13 9.77 -14.17
N SER A 206 17.35 10.18 -12.93
CA SER A 206 18.59 10.88 -12.58
C SER A 206 19.77 9.95 -12.28
N GLY A 207 19.58 8.63 -12.36
CA GLY A 207 20.69 7.69 -12.12
C GLY A 207 20.77 7.10 -10.71
N GLU A 208 19.91 7.53 -9.79
CA GLU A 208 19.90 6.90 -8.46
C GLU A 208 19.52 5.41 -8.57
N THR A 209 20.19 4.52 -7.84
CA THR A 209 19.86 3.09 -7.93
C THR A 209 19.48 2.50 -6.59
N LYS A 210 18.60 1.50 -6.61
CA LYS A 210 18.28 0.71 -5.43
C LYS A 210 18.10 -0.71 -5.90
N VAL A 211 18.48 -1.65 -5.05
CA VAL A 211 18.39 -3.07 -5.37
C VAL A 211 17.63 -3.77 -4.25
N PHE A 212 16.65 -4.57 -4.63
CA PHE A 212 15.89 -5.36 -3.68
C PHE A 212 16.63 -6.65 -3.31
N PRO A 213 16.26 -7.28 -2.18
CA PRO A 213 16.87 -8.53 -1.75
C PRO A 213 16.75 -9.67 -2.77
N VAL A 214 17.67 -10.63 -2.73
CA VAL A 214 17.53 -11.80 -3.59
C VAL A 214 16.32 -12.67 -3.23
N ALA A 215 15.46 -12.96 -4.21
CA ALA A 215 14.33 -13.87 -3.99
C ALA A 215 14.62 -15.23 -4.56
N GLU A 216 14.22 -16.31 -3.87
CA GLU A 216 14.29 -17.66 -4.42
C GLU A 216 12.95 -18.02 -5.05
N ASN A 217 12.96 -18.40 -6.33
CA ASN A 217 11.74 -18.60 -7.06
C ASN A 217 11.49 -20.08 -7.37
N ILE A 218 10.27 -20.52 -7.06
CA ILE A 218 9.84 -21.88 -7.33
C ILE A 218 8.76 -21.86 -8.41
N HIS A 219 9.08 -22.44 -9.56
CA HIS A 219 8.15 -22.53 -10.68
C HIS A 219 7.59 -23.91 -10.72
N VAL A 220 6.32 -24.02 -11.11
CA VAL A 220 5.65 -25.31 -11.35
C VAL A 220 4.90 -25.14 -12.68
N ASN A 221 5.14 -26.05 -13.62
CA ASN A 221 4.60 -25.94 -14.99
C ASN A 221 5.05 -24.65 -15.68
N ASN A 222 6.26 -24.21 -15.38
CA ASN A 222 6.79 -22.90 -15.77
C ASN A 222 5.88 -21.69 -15.53
N ILE A 223 5.10 -21.75 -14.44
CA ILE A 223 4.45 -20.57 -13.90
C ILE A 223 5.03 -20.43 -12.51
N LEU A 224 5.34 -19.21 -12.11
CA LEU A 224 5.86 -18.95 -10.77
C LEU A 224 4.85 -19.46 -9.75
N HIS A 225 5.34 -20.18 -8.74
CA HIS A 225 4.49 -20.67 -7.66
C HIS A 225 4.78 -19.90 -6.41
N GLU A 226 6.04 -19.89 -5.99
CA GLU A 226 6.45 -19.18 -4.80
C GLU A 226 7.72 -18.38 -5.00
N SER A 227 7.81 -17.25 -4.31
CA SER A 227 9.07 -16.53 -4.12
C SER A 227 9.36 -16.47 -2.65
N ILE A 228 10.60 -16.84 -2.31
CA ILE A 228 11.04 -16.96 -0.93
C ILE A 228 12.14 -15.94 -0.68
N VAL A 229 11.94 -15.11 0.36
CA VAL A 229 12.88 -14.03 0.66
C VAL A 229 13.10 -13.94 2.17
N PRO A 230 14.35 -14.02 2.63
CA PRO A 230 15.61 -14.13 1.85
C PRO A 230 15.74 -15.48 1.15
N ALA A 231 16.30 -15.46 -0.06
CA ALA A 231 16.58 -16.71 -0.78
C ALA A 231 17.48 -17.58 0.09
N ARG A 232 17.22 -18.88 0.09
CA ARG A 232 17.97 -19.80 0.94
C ARG A 232 19.28 -20.16 0.23
N ILE A 233 20.17 -19.18 0.15
CA ILE A 233 21.46 -19.33 -0.53
C ILE A 233 22.50 -18.68 0.36
N THR A 234 23.78 -18.98 0.11
CA THR A 234 24.87 -18.41 0.89
C THR A 234 24.95 -16.90 0.73
N GLU A 235 25.53 -16.27 1.75
CA GLU A 235 25.76 -14.83 1.75
C GLU A 235 26.54 -14.39 0.51
N GLU A 236 27.33 -15.32 -0.04
CA GLU A 236 28.19 -15.04 -1.17
C GLU A 236 27.46 -15.09 -2.51
N LEU A 237 26.64 -16.13 -2.72
CA LEU A 237 25.74 -16.17 -3.88
C LEU A 237 24.84 -14.95 -3.90
N SER A 238 24.29 -14.59 -2.74
CA SER A 238 23.40 -13.46 -2.60
C SER A 238 24.12 -12.18 -3.02
N GLN A 239 25.28 -11.94 -2.41
CA GLN A 239 26.13 -10.82 -2.79
C GLN A 239 26.48 -10.78 -4.27
N LYS A 240 26.75 -11.94 -4.85
CA LYS A 240 27.07 -12.03 -6.28
C LYS A 240 25.87 -11.62 -7.16
N ALA A 241 24.70 -12.17 -6.86
CA ALA A 241 23.47 -11.85 -7.56
C ALA A 241 23.17 -10.35 -7.55
N ILE A 242 23.30 -9.74 -6.38
CA ILE A 242 23.09 -8.28 -6.23
C ILE A 242 24.09 -7.47 -7.06
N ALA A 243 25.37 -7.84 -6.99
CA ALA A 243 26.39 -7.16 -7.78
C ALA A 243 26.10 -7.30 -9.27
N TYR A 244 25.68 -8.50 -9.69
CA TYR A 244 25.35 -8.71 -11.10
C TYR A 244 24.21 -7.81 -11.55
N ALA A 245 23.13 -7.74 -10.78
CA ALA A 245 22.01 -6.88 -11.12
C ALA A 245 22.42 -5.40 -11.25
N LYS A 246 23.24 -4.91 -10.32
CA LYS A 246 23.77 -3.54 -10.39
C LYS A 246 24.55 -3.26 -11.66
N VAL A 247 25.41 -4.21 -12.06
CA VAL A 247 26.20 -4.04 -13.28
C VAL A 247 25.27 -3.93 -14.48
N LEU A 248 24.25 -4.79 -14.53
CA LEU A 248 23.27 -4.74 -15.61
C LEU A 248 22.58 -3.40 -15.70
N ALA A 249 22.07 -2.92 -14.57
CA ALA A 249 21.37 -1.63 -14.50
C ALA A 249 22.26 -0.53 -15.05
N ASP A 250 23.53 -0.57 -14.64
CA ASP A 250 24.49 0.44 -15.06
C ASP A 250 24.79 0.28 -16.55
N GLU A 251 25.21 -0.91 -16.97
CA GLU A 251 25.62 -1.10 -18.35
C GLU A 251 24.48 -0.88 -19.34
N LEU A 252 23.27 -1.29 -18.96
CA LEU A 252 22.11 -1.10 -19.81
C LEU A 252 21.48 0.28 -19.69
N GLU A 253 22.05 1.14 -18.85
CA GLU A 253 21.50 2.48 -18.60
C GLU A 253 19.99 2.42 -18.29
N LEU A 254 19.63 1.49 -17.41
CA LEU A 254 18.27 1.34 -16.97
C LEU A 254 17.66 2.66 -16.48
N VAL A 255 16.43 2.92 -16.91
CA VAL A 255 15.56 3.86 -16.19
C VAL A 255 14.27 3.10 -15.92
N GLY A 256 13.87 3.02 -14.66
CA GLY A 256 12.69 2.27 -14.30
C GLY A 256 13.06 1.02 -13.52
N THR A 257 12.39 -0.08 -13.85
CA THR A 257 12.51 -1.33 -13.10
C THR A 257 13.04 -2.43 -13.98
N LEU A 258 13.89 -3.27 -13.42
CA LEU A 258 14.43 -4.39 -14.19
C LEU A 258 14.48 -5.59 -13.27
N ALA A 259 13.78 -6.66 -13.66
CA ALA A 259 13.84 -7.92 -12.95
C ALA A 259 14.89 -8.78 -13.63
N VAL A 260 15.87 -9.22 -12.84
CA VAL A 260 16.95 -10.05 -13.35
C VAL A 260 16.80 -11.47 -12.80
N GLU A 261 16.43 -12.42 -13.66
CA GLU A 261 16.26 -13.83 -13.26
C GLU A 261 17.51 -14.64 -13.55
N MET A 262 17.88 -15.49 -12.59
CA MET A 262 19.19 -16.11 -12.58
C MET A 262 19.09 -17.56 -12.18
N PHE A 263 20.10 -18.36 -12.55
CA PHE A 263 20.29 -19.71 -12.06
C PHE A 263 21.46 -19.69 -11.08
N ALA A 264 21.28 -20.35 -9.93
CA ALA A 264 22.32 -20.45 -8.92
C ALA A 264 22.71 -21.92 -8.74
N THR A 265 23.99 -22.22 -8.97
CA THR A 265 24.48 -23.60 -8.83
C THR A 265 24.94 -23.86 -7.39
N ALA A 266 25.01 -25.13 -7.02
CA ALA A 266 25.52 -25.53 -5.71
C ALA A 266 26.98 -25.06 -5.55
N ASP A 267 27.73 -25.08 -6.65
CA ASP A 267 29.10 -24.58 -6.76
C ASP A 267 29.26 -23.07 -6.57
N GLY A 268 28.16 -22.37 -6.34
CA GLY A 268 28.22 -20.93 -6.15
C GLY A 268 28.30 -20.10 -7.42
N GLU A 269 27.94 -20.66 -8.57
CA GLU A 269 27.94 -19.86 -9.81
C GLU A 269 26.57 -19.24 -10.05
N ILE A 270 26.56 -18.10 -10.73
CA ILE A 270 25.34 -17.45 -11.19
C ILE A 270 25.40 -17.36 -12.72
N TYR A 271 24.31 -17.75 -13.37
CA TYR A 271 24.08 -17.45 -14.77
C TYR A 271 22.82 -16.61 -14.85
N ILE A 272 22.87 -15.56 -15.67
CA ILE A 272 21.69 -14.73 -15.94
C ILE A 272 20.82 -15.49 -16.93
N ASN A 273 19.56 -15.71 -16.57
CA ASN A 273 18.62 -16.38 -17.47
C ASN A 273 17.87 -15.41 -18.42
N GLU A 274 17.16 -14.44 -17.84
CA GLU A 274 16.38 -13.49 -18.63
C GLU A 274 16.07 -12.23 -17.84
N LEU A 275 15.69 -11.18 -18.57
CA LEU A 275 15.44 -9.86 -18.02
C LEU A 275 14.00 -9.46 -18.33
N ALA A 276 13.38 -8.74 -17.39
CA ALA A 276 12.06 -8.14 -17.65
C ALA A 276 12.17 -6.68 -17.27
N PRO A 277 11.99 -5.77 -18.24
CA PRO A 277 12.12 -4.34 -17.94
C PRO A 277 10.80 -3.74 -17.42
N ARG A 278 10.37 -4.24 -16.27
CA ARG A 278 9.08 -3.89 -15.69
C ARG A 278 9.06 -4.50 -14.31
N PRO A 279 8.14 -4.05 -13.46
CA PRO A 279 7.84 -4.82 -12.26
C PRO A 279 7.50 -6.26 -12.65
N HIS A 280 7.84 -7.19 -11.77
CA HIS A 280 7.79 -8.61 -12.06
C HIS A 280 7.11 -9.41 -10.96
N ASN A 281 6.42 -10.50 -11.34
CA ASN A 281 5.76 -11.42 -10.37
C ASN A 281 6.67 -11.82 -9.20
N SER A 282 7.95 -12.03 -9.48
CA SER A 282 8.93 -12.39 -8.42
C SER A 282 9.28 -11.25 -7.47
N GLY A 283 8.75 -10.04 -7.75
CA GLY A 283 8.91 -8.92 -6.83
C GLY A 283 7.66 -8.53 -6.05
N HIS A 284 6.57 -9.30 -6.16
CA HIS A 284 5.33 -8.90 -5.44
C HIS A 284 5.46 -8.98 -3.95
N TYR A 285 6.41 -9.80 -3.48
CA TYR A 285 6.71 -9.87 -2.03
C TYR A 285 6.99 -8.51 -1.40
N THR A 286 7.52 -7.58 -2.21
CA THR A 286 7.97 -6.28 -1.72
C THR A 286 6.80 -5.40 -1.26
N GLN A 287 5.57 -5.74 -1.67
CA GLN A 287 4.41 -4.95 -1.28
C GLN A 287 4.20 -4.97 0.23
N ASP A 288 4.53 -6.11 0.85
CA ASP A 288 4.28 -6.28 2.28
C ASP A 288 5.53 -6.45 3.11
N ALA A 289 6.64 -6.78 2.47
CA ALA A 289 7.86 -7.17 3.22
C ALA A 289 9.01 -6.17 3.19
N CYS A 290 8.91 -5.16 2.34
CA CYS A 290 10.00 -4.20 2.16
C CYS A 290 9.52 -2.83 2.51
N GLU A 291 10.48 -1.97 2.81
CA GLU A 291 10.22 -0.57 3.08
C GLU A 291 9.50 0.17 1.92
N THR A 292 9.81 -0.18 0.67
CA THR A 292 9.08 0.34 -0.50
C THR A 292 8.78 -0.83 -1.43
N SER A 293 7.61 -0.85 -2.06
CA SER A 293 7.30 -1.93 -2.97
C SER A 293 7.95 -1.67 -4.32
N GLN A 294 8.06 -2.70 -5.15
CA GLN A 294 8.57 -2.49 -6.50
C GLN A 294 7.73 -1.49 -7.31
N PHE A 295 6.45 -1.42 -6.95
CA PHE A 295 5.51 -0.53 -7.61
C PHE A 295 5.73 0.94 -7.22
N GLY A 296 5.82 1.21 -5.92
CA GLY A 296 6.22 2.54 -5.42
C GLY A 296 7.57 3.00 -5.99
N GLN A 297 8.49 2.05 -6.16
CA GLN A 297 9.82 2.36 -6.69
C GLN A 297 9.75 2.70 -8.17
N HIS A 298 8.94 1.93 -8.91
CA HIS A 298 8.76 2.16 -10.33
C HIS A 298 8.23 3.55 -10.59
N ILE A 299 7.19 3.93 -9.86
CA ILE A 299 6.62 5.28 -9.98
C ILE A 299 7.67 6.36 -9.70
N ARG A 300 8.39 6.22 -8.59
CA ARG A 300 9.41 7.20 -8.23
C ARG A 300 10.51 7.28 -9.30
N ALA A 301 10.91 6.13 -9.83
CA ALA A 301 11.99 6.08 -10.82
C ALA A 301 11.64 6.87 -12.08
N ILE A 302 10.43 6.66 -12.60
CA ILE A 302 10.06 7.29 -13.87
C ILE A 302 9.69 8.74 -13.64
N CYS A 303 9.19 9.07 -12.45
CA CYS A 303 8.84 10.47 -12.15
C CYS A 303 10.03 11.26 -11.65
N ASN A 304 11.16 10.57 -11.48
CA ASN A 304 12.43 11.15 -10.98
C ASN A 304 12.30 11.72 -9.56
N LEU A 305 11.61 10.99 -8.70
CA LEU A 305 11.56 11.31 -7.28
C LEU A 305 12.69 10.54 -6.61
N PRO A 306 13.09 10.95 -5.39
CA PRO A 306 14.07 10.16 -4.64
C PRO A 306 13.49 8.75 -4.45
N LEU A 307 14.33 7.72 -4.59
CA LEU A 307 13.82 6.36 -4.47
C LEU A 307 13.69 6.02 -2.99
N GLY A 308 12.75 5.14 -2.68
CA GLY A 308 12.59 4.64 -1.32
C GLY A 308 13.63 3.57 -1.00
N GLU A 309 13.70 3.16 0.26
CA GLU A 309 14.64 2.11 0.64
C GLU A 309 14.06 0.73 0.29
N THR A 310 14.95 -0.24 0.10
CA THR A 310 14.55 -1.59 -0.26
C THR A 310 14.76 -2.62 0.86
N ASN A 311 15.03 -2.17 2.08
CA ASN A 311 15.22 -3.08 3.21
C ASN A 311 14.14 -4.14 3.34
N LEU A 312 14.55 -5.40 3.53
CA LEU A 312 13.63 -6.46 3.91
C LEU A 312 13.29 -6.24 5.36
N LEU A 313 12.00 -6.05 5.65
CA LEU A 313 11.55 -5.73 6.98
C LEU A 313 11.03 -6.95 7.70
N LYS A 314 10.77 -8.02 6.95
CA LYS A 314 10.29 -9.27 7.51
C LYS A 314 10.43 -10.34 6.43
N PRO A 315 10.85 -11.57 6.80
CA PRO A 315 10.90 -12.65 5.81
C PRO A 315 9.53 -12.99 5.23
N VAL A 316 9.51 -13.45 3.99
CA VAL A 316 8.24 -13.61 3.30
C VAL A 316 8.25 -14.76 2.30
N VAL A 317 7.10 -15.41 2.17
CA VAL A 317 6.85 -16.30 1.05
C VAL A 317 5.65 -15.74 0.30
N MET A 318 5.86 -15.36 -0.96
CA MET A 318 4.76 -15.01 -1.85
C MET A 318 4.29 -16.28 -2.53
N VAL A 319 2.97 -16.48 -2.57
CA VAL A 319 2.36 -17.59 -3.30
C VAL A 319 1.39 -17.03 -4.30
N ASN A 320 1.49 -17.48 -5.55
CA ASN A 320 0.59 -17.03 -6.59
C ASN A 320 -0.77 -17.70 -6.45
N ILE A 321 -1.81 -16.95 -6.76
CA ILE A 321 -3.17 -17.47 -6.80
C ILE A 321 -3.60 -17.55 -8.26
N LEU A 322 -3.74 -18.75 -8.79
CA LEU A 322 -4.20 -18.94 -10.16
C LEU A 322 -5.72 -19.15 -10.15
N GLY A 323 -6.35 -19.16 -11.33
CA GLY A 323 -7.78 -19.47 -11.45
C GLY A 323 -8.14 -20.74 -10.69
N GLU A 324 -7.31 -21.78 -10.84
CA GLU A 324 -7.54 -23.04 -10.11
C GLU A 324 -7.50 -22.90 -8.59
N HIS A 325 -7.03 -21.77 -8.07
CA HIS A 325 -6.81 -21.62 -6.62
C HIS A 325 -7.81 -20.74 -5.94
N ILE A 326 -8.52 -19.92 -6.71
CA ILE A 326 -9.33 -18.85 -6.12
C ILE A 326 -10.44 -19.38 -5.20
N GLU A 327 -11.07 -20.49 -5.59
CA GLU A 327 -12.10 -21.10 -4.76
C GLU A 327 -11.55 -21.49 -3.40
N GLY A 328 -10.40 -22.16 -3.40
CA GLY A 328 -9.75 -22.58 -2.16
C GLY A 328 -9.38 -21.42 -1.27
N VAL A 329 -8.83 -20.36 -1.87
CA VAL A 329 -8.48 -19.15 -1.14
C VAL A 329 -9.70 -18.58 -0.41
N LEU A 330 -10.82 -18.44 -1.12
CA LEU A 330 -12.03 -17.84 -0.54
C LEU A 330 -12.60 -18.72 0.60
N ARG A 331 -12.53 -20.04 0.39
CA ARG A 331 -13.01 -21.00 1.38
C ARG A 331 -12.14 -21.00 2.62
N GLN A 332 -10.86 -20.71 2.45
CA GLN A 332 -9.89 -20.75 3.54
C GLN A 332 -9.62 -19.36 4.13
N VAL A 333 -10.46 -18.40 3.81
CA VAL A 333 -10.23 -16.99 4.22
C VAL A 333 -9.98 -16.80 5.72
N ASN A 334 -10.74 -17.52 6.55
CA ASN A 334 -10.61 -17.44 8.01
C ASN A 334 -9.32 -18.07 8.54
N ARG A 335 -8.57 -18.75 7.67
CA ARG A 335 -7.29 -19.34 8.05
C ARG A 335 -6.08 -18.47 7.62
N LEU A 336 -6.35 -17.26 7.13
CA LEU A 336 -5.31 -16.43 6.52
C LEU A 336 -4.55 -15.50 7.47
N THR A 337 -4.49 -15.85 8.75
CA THR A 337 -3.64 -15.11 9.69
C THR A 337 -2.19 -15.07 9.20
N GLY A 338 -1.56 -13.89 9.24
CA GLY A 338 -0.16 -13.74 8.83
C GLY A 338 0.04 -13.77 7.31
N CYS A 339 -1.07 -13.83 6.58
CA CYS A 339 -1.12 -13.93 5.12
C CYS A 339 -1.79 -12.68 4.57
N TYR A 340 -1.07 -11.97 3.69
CA TYR A 340 -1.52 -10.67 3.17
C TYR A 340 -2.00 -10.84 1.75
N LEU A 341 -3.33 -10.87 1.61
CA LEU A 341 -3.96 -11.21 0.34
C LEU A 341 -4.01 -10.05 -0.66
N HIS A 342 -3.71 -10.33 -1.93
CA HIS A 342 -3.87 -9.36 -3.01
C HIS A 342 -4.62 -10.03 -4.11
N LEU A 343 -5.74 -9.44 -4.50
CA LEU A 343 -6.55 -9.94 -5.62
C LEU A 343 -6.74 -8.83 -6.64
N TYR A 344 -6.61 -9.18 -7.92
CA TYR A 344 -6.45 -8.19 -8.98
C TYR A 344 -7.73 -7.68 -9.66
N GLY A 345 -8.88 -8.26 -9.32
CA GLY A 345 -10.15 -7.80 -9.90
C GLY A 345 -10.42 -8.32 -11.31
N LYS A 346 -9.80 -9.42 -11.71
CA LYS A 346 -9.99 -9.95 -13.07
C LYS A 346 -11.39 -10.50 -13.22
N GLU A 347 -12.07 -10.08 -14.28
CA GLU A 347 -13.50 -10.35 -14.48
C GLU A 347 -13.71 -11.81 -14.82
N GLU A 348 -12.83 -12.35 -15.67
CA GLU A 348 -12.88 -13.77 -16.01
C GLU A 348 -11.70 -14.53 -15.45
N ALA A 349 -11.99 -15.65 -14.80
CA ALA A 349 -10.96 -16.58 -14.35
C ALA A 349 -10.68 -17.61 -15.45
N LYS A 350 -9.47 -18.16 -15.41
CA LYS A 350 -9.07 -19.29 -16.25
C LYS A 350 -8.11 -20.07 -15.37
N ALA A 351 -7.98 -21.37 -15.63
CA ALA A 351 -7.25 -22.28 -14.73
C ALA A 351 -5.84 -21.82 -14.37
N GLN A 352 -5.08 -21.37 -15.38
CA GLN A 352 -3.69 -20.95 -15.17
C GLN A 352 -3.48 -19.42 -15.17
N ARG A 353 -4.58 -18.67 -15.17
CA ARG A 353 -4.50 -17.21 -15.11
C ARG A 353 -4.19 -16.75 -13.69
N LYS A 354 -3.29 -15.78 -13.59
CA LYS A 354 -2.91 -15.15 -12.32
C LYS A 354 -4.02 -14.23 -11.80
N MET A 355 -4.69 -14.64 -10.73
CA MET A 355 -5.83 -13.89 -10.17
C MET A 355 -5.40 -13.04 -8.99
N GLY A 356 -4.29 -13.41 -8.37
CA GLY A 356 -3.76 -12.67 -7.24
C GLY A 356 -2.52 -13.32 -6.69
N HIS A 357 -2.14 -12.90 -5.50
CA HIS A 357 -1.02 -13.51 -4.76
C HIS A 357 -1.21 -13.31 -3.29
N VAL A 358 -0.53 -14.10 -2.49
CA VAL A 358 -0.62 -13.91 -1.05
C VAL A 358 0.80 -13.87 -0.47
N ASN A 359 1.10 -12.82 0.29
CA ASN A 359 2.39 -12.67 0.91
C ASN A 359 2.31 -13.16 2.35
N ILE A 360 2.99 -14.26 2.64
CA ILE A 360 2.99 -14.85 3.97
C ILE A 360 4.21 -14.37 4.72
N LEU A 361 4.00 -13.53 5.72
CA LEU A 361 5.07 -12.95 6.51
C LEU A 361 5.28 -13.76 7.78
N ASN A 362 6.56 -13.96 8.14
CA ASN A 362 6.91 -14.70 9.34
C ASN A 362 8.37 -14.49 9.63
N ASP A 363 8.73 -14.34 10.90
CA ASP A 363 10.13 -14.26 11.30
C ASP A 363 10.92 -15.47 10.80
N ASN A 364 10.24 -16.60 10.64
CA ASN A 364 10.89 -17.83 10.16
C ASN A 364 10.36 -18.31 8.80
N ILE A 365 11.24 -18.30 7.80
CA ILE A 365 10.88 -18.71 6.44
C ILE A 365 10.20 -20.08 6.40
N GLU A 366 10.72 -21.05 7.16
CA GLU A 366 10.18 -22.41 7.08
C GLU A 366 8.77 -22.49 7.62
N VAL A 367 8.46 -21.70 8.64
CA VAL A 367 7.08 -21.59 9.13
C VAL A 367 6.15 -21.00 8.05
N ALA A 368 6.62 -19.97 7.34
CA ALA A 368 5.81 -19.40 6.24
C ALA A 368 5.53 -20.46 5.17
N LEU A 369 6.57 -21.18 4.77
CA LEU A 369 6.41 -22.29 3.81
C LEU A 369 5.44 -23.35 4.32
N GLU A 370 5.56 -23.69 5.60
CA GLU A 370 4.66 -24.68 6.20
C GLU A 370 3.21 -24.19 6.21
N LYS A 371 3.04 -22.87 6.40
CA LYS A 371 1.71 -22.25 6.38
C LYS A 371 1.03 -22.41 5.01
N ALA A 372 1.75 -22.11 3.93
CA ALA A 372 1.23 -22.36 2.58
C ALA A 372 0.75 -23.82 2.38
N LYS A 373 1.58 -24.77 2.79
CA LYS A 373 1.24 -26.19 2.67
C LYS A 373 0.01 -26.51 3.52
N SER A 374 0.05 -26.09 4.78
CA SER A 374 -1.04 -26.41 5.72
C SER A 374 -2.40 -25.89 5.24
N LEU A 375 -2.41 -24.81 4.44
CA LEU A 375 -3.68 -24.27 3.90
C LEU A 375 -4.31 -25.18 2.86
N HIS A 376 -3.52 -26.09 2.29
CA HIS A 376 -3.99 -27.04 1.29
C HIS A 376 -4.62 -26.45 0.05
N ILE A 377 -4.31 -25.19 -0.25
CA ILE A 377 -4.82 -24.56 -1.46
C ILE A 377 -4.01 -24.99 -2.69
N TRP A 378 -2.71 -25.22 -2.49
CA TRP A 378 -1.79 -25.47 -3.62
C TRP A 378 -1.34 -26.92 -3.74
N ASP A 379 -2.22 -27.83 -3.34
CA ASP A 379 -1.91 -29.26 -3.34
C ASP A 379 -1.41 -29.74 -4.68
N HIS A 380 -2.02 -29.23 -5.75
CA HIS A 380 -1.62 -29.56 -7.11
C HIS A 380 -0.16 -29.25 -7.37
N GLN A 381 0.24 -28.02 -7.02
CA GLN A 381 1.62 -27.54 -7.16
C GLN A 381 2.59 -28.36 -6.31
N GLU A 382 2.23 -28.61 -5.05
CA GLU A 382 3.09 -29.40 -4.15
C GLU A 382 3.32 -30.84 -4.62
N GLN A 383 2.27 -31.46 -5.18
CA GLN A 383 2.41 -32.81 -5.73
C GLN A 383 3.28 -32.85 -6.98
N LEU A 384 3.13 -31.85 -7.85
CA LEU A 384 3.97 -31.76 -9.06
C LEU A 384 5.43 -31.56 -8.67
N LEU A 385 5.65 -30.79 -7.60
CA LEU A 385 6.99 -30.61 -7.03
C LEU A 385 7.53 -31.90 -6.43
N GLU A 386 6.65 -32.69 -5.80
CA GLU A 386 7.03 -33.97 -5.21
C GLU A 386 7.61 -34.93 -6.24
N GLY A 387 6.98 -35.02 -7.40
CA GLY A 387 7.37 -36.00 -8.44
C GLY A 387 8.43 -35.53 -9.42
N ASP B 6 -24.42 -11.33 14.45
CA ASP B 6 -23.84 -12.58 13.88
C ASP B 6 -22.33 -12.44 13.72
N MET B 7 -21.60 -13.10 14.62
CA MET B 7 -20.15 -12.96 14.69
C MET B 7 -19.41 -13.81 13.67
N THR B 8 -20.15 -14.44 12.76
CA THR B 8 -19.54 -15.32 11.76
C THR B 8 -19.65 -14.80 10.33
N ARG B 9 -20.43 -13.75 10.13
CA ARG B 9 -20.62 -13.19 8.79
C ARG B 9 -19.29 -12.64 8.23
N ILE B 10 -19.00 -13.02 6.99
CA ILE B 10 -17.74 -12.63 6.31
C ILE B 10 -18.13 -11.98 5.00
N ILE B 11 -17.56 -10.82 4.74
CA ILE B 11 -17.72 -10.14 3.46
C ILE B 11 -16.46 -10.44 2.64
N LEU B 12 -16.62 -11.28 1.61
CA LEU B 12 -15.47 -11.84 0.89
C LEU B 12 -14.91 -10.86 -0.13
N PRO B 13 -13.58 -10.90 -0.37
CA PRO B 13 -13.00 -10.15 -1.48
C PRO B 13 -13.83 -10.33 -2.74
N GLY B 14 -13.99 -9.27 -3.52
CA GLY B 14 -14.88 -9.31 -4.67
C GLY B 14 -16.17 -8.56 -4.40
N LYS B 15 -16.59 -8.49 -3.14
CA LYS B 15 -17.81 -7.76 -2.79
C LYS B 15 -17.59 -6.24 -2.84
N THR B 16 -18.69 -5.49 -2.64
CA THR B 16 -18.63 -4.03 -2.63
C THR B 16 -18.71 -3.48 -1.21
N ILE B 17 -17.73 -2.65 -0.84
CA ILE B 17 -17.76 -1.90 0.40
C ILE B 17 -18.23 -0.49 0.08
N GLY B 18 -19.26 -0.05 0.80
CA GLY B 18 -19.80 1.30 0.68
C GLY B 18 -19.28 2.15 1.80
N ILE B 19 -18.87 3.37 1.46
CA ILE B 19 -18.28 4.26 2.43
C ILE B 19 -19.05 5.56 2.42
N ILE B 20 -19.47 6.00 3.60
CA ILE B 20 -20.13 7.29 3.72
C ILE B 20 -19.08 8.33 4.07
N GLY B 21 -18.88 9.29 3.18
CA GLY B 21 -17.84 10.30 3.34
C GLY B 21 -16.69 10.00 2.40
N GLY B 22 -16.31 10.99 1.60
CA GLY B 22 -15.29 10.78 0.58
C GLY B 22 -13.98 11.49 0.87
N GLY B 23 -13.72 11.79 2.14
CA GLY B 23 -12.46 12.41 2.56
C GLY B 23 -11.25 11.46 2.44
N GLN B 24 -10.09 11.93 2.90
CA GLN B 24 -8.86 11.15 2.78
C GLN B 24 -8.91 9.82 3.51
N LEU B 25 -9.67 9.75 4.62
CA LEU B 25 -9.76 8.50 5.39
C LEU B 25 -10.44 7.43 4.55
N GLY B 26 -11.53 7.83 3.88
CA GLY B 26 -12.24 6.90 3.00
C GLY B 26 -11.37 6.52 1.80
N ARG B 27 -10.67 7.48 1.22
CA ARG B 27 -9.76 7.20 0.11
C ARG B 27 -8.75 6.12 0.51
N MET B 28 -8.15 6.28 1.69
CA MET B 28 -7.17 5.33 2.16
C MET B 28 -7.75 3.96 2.51
N MET B 29 -8.96 3.94 3.09
CA MET B 29 -9.72 2.70 3.22
C MET B 29 -9.89 2.02 1.85
N ALA B 30 -10.31 2.81 0.88
CA ALA B 30 -10.60 2.31 -0.47
C ALA B 30 -9.37 1.72 -1.15
N LEU B 31 -8.21 2.39 -1.03
CA LEU B 31 -6.96 1.89 -1.62
C LEU B 31 -6.53 0.54 -1.00
N ALA B 32 -6.67 0.44 0.32
CA ALA B 32 -6.36 -0.80 1.03
C ALA B 32 -7.34 -1.90 0.65
N ALA B 33 -8.63 -1.57 0.51
CA ALA B 33 -9.64 -2.53 0.05
C ALA B 33 -9.37 -3.03 -1.36
N LYS B 34 -8.94 -2.13 -2.24
CA LYS B 34 -8.70 -2.48 -3.63
C LYS B 34 -7.57 -3.52 -3.78
N GLU B 35 -6.56 -3.44 -2.92
CA GLU B 35 -5.47 -4.43 -2.96
C GLU B 35 -6.01 -5.83 -2.75
N MET B 36 -7.01 -5.96 -1.88
CA MET B 36 -7.66 -7.24 -1.63
C MET B 36 -8.73 -7.63 -2.65
N GLY B 37 -9.00 -6.78 -3.63
CA GLY B 37 -9.96 -7.05 -4.70
C GLY B 37 -11.43 -6.72 -4.39
N TYR B 38 -11.66 -5.89 -3.39
CA TYR B 38 -13.01 -5.37 -3.12
C TYR B 38 -13.34 -4.25 -4.08
N LYS B 39 -14.63 -4.12 -4.40
CA LYS B 39 -15.15 -2.94 -5.07
C LYS B 39 -15.54 -1.91 -4.02
N ILE B 40 -15.61 -0.65 -4.45
CA ILE B 40 -15.85 0.49 -3.56
C ILE B 40 -16.93 1.41 -4.09
N ALA B 41 -17.91 1.70 -3.25
CA ALA B 41 -18.90 2.73 -3.52
C ALA B 41 -18.75 3.81 -2.45
N VAL B 42 -18.87 5.07 -2.85
CA VAL B 42 -18.74 6.18 -1.89
C VAL B 42 -19.89 7.18 -2.02
N LEU B 43 -20.40 7.66 -0.89
CA LEU B 43 -21.38 8.76 -0.90
C LEU B 43 -20.74 10.00 -0.27
N ASP B 44 -20.72 11.09 -1.03
CA ASP B 44 -20.14 12.36 -0.55
C ASP B 44 -20.93 13.47 -1.23
N PRO B 45 -21.14 14.61 -0.54
CA PRO B 45 -21.91 15.72 -1.16
C PRO B 45 -21.18 16.49 -2.25
N THR B 46 -19.87 16.24 -2.38
CA THR B 46 -19.04 16.96 -3.35
C THR B 46 -18.47 15.99 -4.40
N LYS B 47 -18.63 16.36 -5.67
CA LYS B 47 -18.09 15.59 -6.78
C LYS B 47 -16.57 15.47 -6.68
N ASN B 48 -16.03 14.35 -7.18
CA ASN B 48 -14.59 14.15 -7.33
C ASN B 48 -13.79 14.25 -6.00
N SER B 49 -14.42 13.80 -4.92
CA SER B 49 -13.78 13.77 -3.61
C SER B 49 -12.58 12.83 -3.60
N PRO B 50 -11.68 12.97 -2.59
CA PRO B 50 -10.53 12.08 -2.51
C PRO B 50 -10.88 10.60 -2.69
N CYS B 51 -11.96 10.15 -2.06
CA CYS B 51 -12.38 8.76 -2.15
C CYS B 51 -12.99 8.39 -3.51
N ALA B 52 -13.78 9.29 -4.09
CA ALA B 52 -14.38 9.07 -5.41
C ALA B 52 -13.32 8.82 -6.50
N GLN B 53 -12.14 9.43 -6.34
CA GLN B 53 -11.01 9.23 -7.26
C GLN B 53 -10.44 7.82 -7.25
N VAL B 54 -10.85 7.00 -6.28
CA VAL B 54 -10.37 5.62 -6.17
C VAL B 54 -11.53 4.62 -6.10
N ALA B 55 -12.77 5.12 -6.16
CA ALA B 55 -13.95 4.27 -5.99
C ALA B 55 -14.52 3.79 -7.33
N ASP B 56 -15.19 2.64 -7.34
CA ASP B 56 -15.88 2.16 -8.53
C ASP B 56 -17.17 2.91 -8.80
N ILE B 57 -17.91 3.24 -7.74
CA ILE B 57 -19.19 3.93 -7.86
C ILE B 57 -19.17 5.19 -6.97
N GLU B 58 -19.52 6.33 -7.54
CA GLU B 58 -19.63 7.58 -6.80
C GLU B 58 -21.09 8.02 -6.71
N ILE B 59 -21.57 8.28 -5.50
CA ILE B 59 -22.90 8.88 -5.28
C ILE B 59 -22.71 10.28 -4.72
N VAL B 60 -23.02 11.30 -5.54
CA VAL B 60 -22.88 12.68 -5.08
C VAL B 60 -24.21 13.12 -4.46
N ALA B 61 -24.21 13.30 -3.13
CA ALA B 61 -25.43 13.61 -2.39
C ALA B 61 -25.18 14.01 -0.93
N SER B 62 -26.16 14.70 -0.36
CA SER B 62 -26.11 15.14 1.03
C SER B 62 -26.07 13.94 2.00
N TYR B 63 -25.44 14.11 3.15
CA TYR B 63 -25.30 13.03 4.14
C TYR B 63 -26.62 12.67 4.82
N ASP B 64 -27.60 13.58 4.73
CA ASP B 64 -28.92 13.36 5.33
C ASP B 64 -29.94 12.87 4.30
N ASP B 65 -29.53 12.84 3.03
CA ASP B 65 -30.39 12.37 1.94
C ASP B 65 -30.70 10.88 2.08
N LEU B 66 -31.80 10.59 2.77
CA LEU B 66 -32.22 9.21 3.07
C LEU B 66 -32.80 8.45 1.87
N LYS B 67 -32.32 8.78 0.67
CA LYS B 67 -32.67 8.06 -0.55
C LYS B 67 -31.39 7.69 -1.28
N ALA B 68 -30.44 8.63 -1.29
CA ALA B 68 -29.10 8.37 -1.77
C ALA B 68 -28.42 7.33 -0.86
N ILE B 69 -28.62 7.47 0.45
CA ILE B 69 -28.13 6.51 1.46
C ILE B 69 -28.70 5.12 1.20
N GLN B 70 -30.00 5.09 0.92
CA GLN B 70 -30.73 3.89 0.50
C GLN B 70 -30.03 3.24 -0.67
N HIS B 71 -29.72 4.04 -1.69
CA HIS B 71 -29.03 3.58 -2.89
C HIS B 71 -27.63 3.05 -2.61
N LEU B 72 -26.93 3.67 -1.66
CA LEU B 72 -25.62 3.17 -1.20
C LEU B 72 -25.75 1.76 -0.61
N ALA B 73 -26.72 1.60 0.29
CA ALA B 73 -27.00 0.31 0.91
C ALA B 73 -27.31 -0.74 -0.15
N GLU B 74 -28.04 -0.31 -1.18
CA GLU B 74 -28.48 -1.16 -2.26
C GLU B 74 -27.31 -1.78 -3.03
N ILE B 75 -26.34 -0.94 -3.39
CA ILE B 75 -25.20 -1.39 -4.20
C ILE B 75 -24.02 -1.96 -3.39
N SER B 76 -24.10 -1.90 -2.06
CA SER B 76 -23.00 -2.38 -1.21
C SER B 76 -23.35 -3.64 -0.45
N ASP B 77 -22.33 -4.45 -0.15
CA ASP B 77 -22.52 -5.65 0.66
C ASP B 77 -22.24 -5.36 2.13
N VAL B 78 -21.55 -4.24 2.39
CA VAL B 78 -21.24 -3.80 3.74
C VAL B 78 -21.02 -2.30 3.65
N VAL B 79 -21.42 -1.58 4.68
CA VAL B 79 -21.29 -0.12 4.73
C VAL B 79 -20.45 0.29 5.95
N THR B 80 -19.61 1.29 5.74
CA THR B 80 -18.80 1.88 6.80
C THR B 80 -18.81 3.39 6.61
N TYR B 81 -18.37 4.14 7.62
CA TYR B 81 -18.30 5.58 7.53
C TYR B 81 -16.85 6.00 7.80
N GLU B 82 -16.45 7.13 7.24
CA GLU B 82 -15.16 7.71 7.51
C GLU B 82 -15.39 9.12 8.02
N PHE B 83 -16.62 9.60 7.82
CA PHE B 83 -17.06 10.92 8.25
C PHE B 83 -17.64 10.77 9.65
N GLU B 84 -16.96 11.37 10.63
CA GLU B 84 -17.28 11.16 12.03
C GLU B 84 -18.48 12.00 12.50
N ASN B 85 -18.87 12.98 11.68
CA ASN B 85 -20.03 13.82 11.98
C ASN B 85 -21.24 13.53 11.09
N ILE B 86 -21.48 12.25 10.81
CA ILE B 86 -22.67 11.81 10.12
C ILE B 86 -23.81 11.70 11.15
N ASP B 87 -25.02 12.05 10.75
CA ASP B 87 -26.18 12.01 11.64
C ASP B 87 -26.42 10.57 12.11
N TYR B 88 -26.38 10.38 13.44
CA TYR B 88 -26.52 9.06 14.06
C TYR B 88 -27.81 8.32 13.67
N ARG B 89 -28.88 9.08 13.37
CA ARG B 89 -30.16 8.50 12.94
C ARG B 89 -30.10 8.01 11.49
N CYS B 90 -29.18 8.58 10.73
CA CYS B 90 -28.90 8.12 9.37
C CYS B 90 -28.28 6.72 9.40
N LEU B 91 -27.33 6.51 10.32
CA LEU B 91 -26.73 5.20 10.55
C LEU B 91 -27.76 4.18 11.01
N GLN B 92 -28.68 4.61 11.87
CA GLN B 92 -29.73 3.74 12.41
C GLN B 92 -30.55 3.05 11.33
N TRP B 93 -30.82 3.75 10.23
CA TRP B 93 -31.51 3.15 9.09
C TRP B 93 -30.69 2.04 8.46
N LEU B 94 -29.40 2.32 8.28
CA LEU B 94 -28.48 1.37 7.66
C LEU B 94 -28.29 0.08 8.48
N GLU B 95 -28.17 0.20 9.80
CA GLU B 95 -28.02 -1.01 10.62
C GLU B 95 -29.31 -1.83 10.68
N LYS B 96 -30.44 -1.12 10.56
CA LYS B 96 -31.76 -1.75 10.51
C LYS B 96 -31.97 -2.44 9.16
N HIS B 97 -31.70 -1.72 8.07
CA HIS B 97 -32.04 -2.20 6.72
C HIS B 97 -30.90 -2.58 5.80
N ALA B 98 -29.67 -2.29 6.21
CA ALA B 98 -28.47 -2.69 5.47
C ALA B 98 -27.49 -3.42 6.41
N TYR B 99 -26.24 -3.59 6.01
CA TYR B 99 -25.27 -4.21 6.88
C TYR B 99 -24.21 -3.21 7.31
N LEU B 100 -24.32 -2.78 8.57
CA LEU B 100 -23.40 -1.81 9.17
C LEU B 100 -22.87 -2.41 10.45
N PRO B 101 -21.88 -3.33 10.35
CA PRO B 101 -21.37 -4.05 11.51
C PRO B 101 -20.80 -3.16 12.61
N GLN B 102 -20.40 -1.93 12.27
CA GLN B 102 -19.91 -1.00 13.29
C GLN B 102 -20.99 -0.58 14.26
N GLY B 103 -22.24 -0.55 13.80
CA GLY B 103 -23.35 -0.07 14.62
C GLY B 103 -23.41 1.46 14.66
N SER B 104 -24.50 1.98 15.24
CA SER B 104 -24.72 3.41 15.36
C SER B 104 -24.39 3.87 16.78
N GLN B 105 -24.42 2.93 17.72
CA GLN B 105 -24.21 3.18 19.15
C GLN B 105 -22.89 3.87 19.47
N LEU B 106 -21.78 3.29 18.98
CA LEU B 106 -20.46 3.81 19.34
C LEU B 106 -20.27 5.23 18.84
N LEU B 107 -20.73 5.46 17.62
CA LEU B 107 -20.62 6.75 16.98
C LEU B 107 -21.34 7.83 17.82
N SER B 108 -22.56 7.54 18.24
CA SER B 108 -23.37 8.51 18.99
C SER B 108 -22.70 8.86 20.32
N LYS B 109 -22.06 7.87 20.96
CA LYS B 109 -21.35 8.13 22.21
C LYS B 109 -20.09 8.99 22.03
N THR B 110 -19.35 8.78 20.93
CA THR B 110 -18.07 9.47 20.74
C THR B 110 -18.21 10.85 20.11
N GLN B 111 -19.37 11.10 19.50
CA GLN B 111 -19.71 12.37 18.85
C GLN B 111 -20.04 13.52 19.80
N ASN B 112 -20.34 13.19 21.04
CA ASN B 112 -20.71 14.20 22.02
C ASN B 112 -19.77 14.08 23.22
N ARG B 113 -19.07 15.17 23.54
CA ARG B 113 -18.00 15.13 24.54
C ARG B 113 -18.51 14.74 25.92
N PHE B 114 -19.72 15.18 26.26
CA PHE B 114 -20.34 14.83 27.53
C PHE B 114 -20.64 13.34 27.61
N THR B 115 -21.31 12.80 26.59
CA THR B 115 -21.68 11.36 26.59
C THR B 115 -20.42 10.48 26.44
N GLU B 116 -19.42 11.02 25.76
CA GLU B 116 -18.09 10.40 25.65
C GLU B 116 -17.39 10.23 26.99
N LYS B 117 -17.43 11.29 27.81
CA LYS B 117 -16.87 11.24 29.16
C LYS B 117 -17.48 10.14 30.01
N ASN B 118 -18.80 9.96 29.87
CA ASN B 118 -19.55 8.94 30.60
C ASN B 118 -19.09 7.53 30.21
N ALA B 119 -18.93 7.32 28.90
CA ALA B 119 -18.52 6.02 28.40
C ALA B 119 -17.14 5.67 28.92
N ILE B 120 -16.23 6.65 28.90
CA ILE B 120 -14.87 6.44 29.43
C ILE B 120 -14.91 6.14 30.93
N GLU B 121 -15.71 6.91 31.68
CA GLU B 121 -15.83 6.69 33.12
C GLU B 121 -16.49 5.35 33.47
N LYS B 122 -17.54 4.97 32.73
CA LYS B 122 -18.15 3.64 32.88
C LYS B 122 -17.11 2.54 32.65
N ALA B 123 -16.21 2.76 31.70
CA ALA B 123 -15.15 1.82 31.39
C ALA B 123 -14.10 1.74 32.50
N GLY B 124 -14.05 2.76 33.36
CA GLY B 124 -13.19 2.73 34.53
C GLY B 124 -11.88 3.51 34.42
N LEU B 125 -11.72 4.27 33.34
CA LEU B 125 -10.45 4.97 33.08
C LEU B 125 -10.53 6.45 33.44
N PRO B 126 -9.39 7.07 33.79
CA PRO B 126 -9.33 8.48 34.17
C PRO B 126 -9.64 9.44 33.01
N VAL B 127 -10.40 10.50 33.35
CA VAL B 127 -10.63 11.66 32.48
C VAL B 127 -10.32 12.92 33.27
N ALA B 128 -10.11 14.04 32.57
CA ALA B 128 -10.05 15.33 33.22
C ALA B 128 -11.43 15.61 33.85
N THR B 129 -11.43 16.13 35.07
CA THR B 129 -12.69 16.50 35.76
C THR B 129 -13.41 17.55 34.92
N TYR B 130 -14.71 17.37 34.74
CA TYR B 130 -15.49 18.18 33.80
C TYR B 130 -16.89 18.46 34.33
N ARG B 131 -17.50 19.51 33.77
CA ARG B 131 -18.89 19.90 34.08
C ARG B 131 -19.59 20.30 32.78
N LEU B 132 -20.87 19.95 32.64
CA LEU B 132 -21.65 20.42 31.50
C LEU B 132 -21.97 21.92 31.64
N VAL B 133 -21.85 22.67 30.55
CA VAL B 133 -22.11 24.11 30.57
C VAL B 133 -23.15 24.46 29.50
N GLN B 134 -24.30 25.00 29.90
CA GLN B 134 -25.34 25.36 28.90
C GLN B 134 -25.74 26.84 28.92
N ASN B 135 -25.18 27.60 29.85
CA ASN B 135 -25.49 29.04 29.99
C ASN B 135 -24.44 29.68 30.87
N GLN B 136 -24.57 30.98 31.13
CA GLN B 136 -23.54 31.69 31.88
C GLN B 136 -23.50 31.29 33.35
N GLU B 137 -24.66 31.02 33.94
CA GLU B 137 -24.71 30.61 35.35
C GLU B 137 -23.91 29.31 35.54
N GLN B 138 -24.16 28.33 34.67
CA GLN B 138 -23.46 27.04 34.71
C GLN B 138 -21.96 27.17 34.45
N LEU B 139 -21.57 28.06 33.53
CA LEU B 139 -20.15 28.39 33.34
C LEU B 139 -19.54 28.97 34.63
N THR B 140 -20.18 29.98 35.18
CA THR B 140 -19.75 30.55 36.46
C THR B 140 -19.54 29.48 37.54
N GLU B 141 -20.52 28.61 37.75
CA GLU B 141 -20.39 27.53 38.73
C GLU B 141 -19.25 26.56 38.38
N ALA B 142 -19.16 26.17 37.09
CA ALA B 142 -18.12 25.26 36.63
C ALA B 142 -16.75 25.83 36.96
N ILE B 143 -16.54 27.10 36.63
CA ILE B 143 -15.26 27.76 36.92
C ILE B 143 -14.99 27.76 38.43
N ALA B 144 -16.02 28.09 39.22
CA ALA B 144 -15.90 28.09 40.67
C ALA B 144 -15.50 26.72 41.21
N GLU B 145 -16.04 25.66 40.62
CA GLU B 145 -15.73 24.30 41.05
C GLU B 145 -14.40 23.80 40.52
N LEU B 146 -14.03 24.16 39.31
CA LEU B 146 -12.81 23.58 38.70
C LEU B 146 -11.61 24.48 38.80
N SER B 147 -11.83 25.78 38.91
CA SER B 147 -10.77 26.78 38.99
C SER B 147 -9.86 26.77 37.75
N TYR B 148 -8.71 27.44 37.85
CA TYR B 148 -7.76 27.58 36.75
C TYR B 148 -6.48 26.76 36.96
N PRO B 149 -5.87 26.24 35.88
CA PRO B 149 -6.30 26.40 34.49
C PRO B 149 -7.37 25.38 34.08
N SER B 150 -8.20 25.73 33.11
CA SER B 150 -9.28 24.86 32.64
C SER B 150 -9.52 25.11 31.15
N VAL B 151 -10.28 24.23 30.51
CA VAL B 151 -10.52 24.36 29.09
C VAL B 151 -11.99 24.13 28.83
N LEU B 152 -12.59 25.07 28.12
CA LEU B 152 -13.98 24.98 27.67
C LEU B 152 -14.05 24.45 26.22
N LYS B 153 -14.85 23.41 26.01
CA LYS B 153 -14.94 22.75 24.70
C LYS B 153 -16.40 22.57 24.35
N THR B 154 -16.79 22.87 23.11
CA THR B 154 -18.14 22.54 22.63
C THR B 154 -18.34 21.04 22.67
N THR B 155 -19.53 20.59 23.06
CA THR B 155 -19.78 19.15 23.17
C THR B 155 -19.87 18.45 21.80
N THR B 156 -20.23 19.20 20.77
CA THR B 156 -20.29 18.64 19.42
C THR B 156 -19.58 19.52 18.38
N GLY B 157 -19.24 18.93 17.23
CA GLY B 157 -18.73 19.66 16.08
C GLY B 157 -17.29 20.15 16.14
N GLY B 158 -16.63 19.94 17.29
CA GLY B 158 -15.26 20.42 17.47
C GLY B 158 -14.22 19.58 16.74
N TYR B 159 -13.25 20.24 16.11
CA TYR B 159 -12.10 19.59 15.48
C TYR B 159 -11.02 20.66 15.35
N ASP B 160 -9.76 20.21 15.38
CA ASP B 160 -8.62 21.13 15.28
C ASP B 160 -8.66 22.26 16.34
N GLY B 161 -9.23 21.96 17.51
CA GLY B 161 -9.39 22.93 18.59
C GLY B 161 -10.39 24.06 18.34
N LYS B 162 -11.17 23.96 17.27
CA LYS B 162 -12.25 24.93 17.02
C LYS B 162 -13.36 24.70 18.03
N GLY B 163 -13.89 25.79 18.59
CA GLY B 163 -14.85 25.66 19.70
C GLY B 163 -14.15 25.28 20.99
N GLN B 164 -12.96 25.84 21.22
CA GLN B 164 -12.23 25.67 22.48
C GLN B 164 -11.68 26.98 23.00
N VAL B 165 -11.71 27.15 24.31
CA VAL B 165 -11.10 28.29 24.97
C VAL B 165 -10.34 27.78 26.18
N VAL B 166 -9.05 28.09 26.25
CA VAL B 166 -8.24 27.72 27.39
C VAL B 166 -8.33 28.85 28.42
N LEU B 167 -8.78 28.52 29.63
CA LEU B 167 -8.86 29.54 30.66
C LEU B 167 -7.65 29.43 31.56
N ARG B 168 -6.67 30.32 31.32
CA ARG B 168 -5.45 30.42 32.13
C ARG B 168 -5.75 31.10 33.48
N SER B 169 -6.54 32.17 33.42
CA SER B 169 -6.87 33.01 34.57
C SER B 169 -8.24 33.65 34.31
N GLU B 170 -8.73 34.42 35.28
CA GLU B 170 -9.95 35.22 35.10
C GLU B 170 -9.98 36.03 33.80
N ALA B 171 -8.80 36.40 33.30
CA ALA B 171 -8.68 37.21 32.08
C ALA B 171 -9.27 36.54 30.83
N ASP B 172 -9.42 35.22 30.88
CA ASP B 172 -9.94 34.47 29.75
C ASP B 172 -11.45 34.18 29.84
N VAL B 173 -12.08 34.63 30.93
CA VAL B 173 -13.51 34.35 31.14
C VAL B 173 -14.40 35.01 30.09
N ASP B 174 -14.03 36.22 29.65
CA ASP B 174 -14.83 36.93 28.63
C ASP B 174 -14.95 36.14 27.33
N GLU B 175 -13.83 35.55 26.90
CA GLU B 175 -13.80 34.72 25.70
C GLU B 175 -14.60 33.44 25.92
N ALA B 176 -14.46 32.86 27.12
CA ALA B 176 -15.21 31.64 27.47
C ALA B 176 -16.71 31.85 27.46
N ARG B 177 -17.17 33.00 27.98
CA ARG B 177 -18.59 33.34 28.00
C ARG B 177 -19.18 33.41 26.57
N LYS B 178 -18.44 34.04 25.65
CA LYS B 178 -18.85 34.14 24.24
C LYS B 178 -19.11 32.77 23.65
N LEU B 179 -18.18 31.84 23.89
CA LEU B 179 -18.32 30.45 23.42
C LEU B 179 -19.46 29.72 24.09
N ALA B 180 -19.57 29.88 25.41
CA ALA B 180 -20.67 29.25 26.14
C ALA B 180 -22.05 29.67 25.62
N ASN B 181 -22.19 30.92 25.17
CA ASN B 181 -23.44 31.35 24.56
C ASN B 181 -23.70 30.71 23.20
N ALA B 182 -22.63 30.54 22.42
CA ALA B 182 -22.73 30.01 21.06
C ALA B 182 -23.07 28.51 21.01
N ALA B 183 -22.65 27.74 22.01
CA ALA B 183 -22.85 26.29 21.98
C ALA B 183 -22.81 25.62 23.34
N GLU B 184 -23.47 24.48 23.48
CA GLU B 184 -23.31 23.62 24.65
C GLU B 184 -21.84 23.19 24.73
N CYS B 185 -21.31 23.22 25.94
CA CYS B 185 -19.90 22.97 26.19
C CYS B 185 -19.72 22.12 27.42
N ILE B 186 -18.50 21.59 27.60
CA ILE B 186 -18.06 21.11 28.89
C ILE B 186 -16.87 21.95 29.27
N LEU B 187 -16.79 22.27 30.56
CA LEU B 187 -15.55 22.78 31.11
C LEU B 187 -14.82 21.61 31.78
N GLU B 188 -13.53 21.48 31.50
CA GLU B 188 -12.73 20.45 32.13
C GLU B 188 -11.41 21.00 32.61
N LYS B 189 -10.88 20.39 33.68
CA LYS B 189 -9.58 20.77 34.21
C LYS B 189 -8.48 20.60 33.18
N TRP B 190 -7.54 21.54 33.18
CA TRP B 190 -6.29 21.42 32.45
C TRP B 190 -5.49 20.25 32.98
N VAL B 191 -4.92 19.46 32.07
CA VAL B 191 -4.07 18.35 32.47
C VAL B 191 -2.63 18.72 32.12
N PRO B 192 -1.74 18.81 33.13
CA PRO B 192 -0.37 19.20 32.84
C PRO B 192 0.49 18.00 32.39
N PHE B 193 0.09 17.36 31.29
CA PHE B 193 0.76 16.16 30.78
C PHE B 193 2.22 16.36 30.36
N GLU B 194 2.99 15.28 30.34
CA GLU B 194 4.37 15.36 29.86
C GLU B 194 4.37 15.15 28.35
N LYS B 195 3.54 14.20 27.90
CA LYS B 195 3.37 13.89 26.48
C LYS B 195 1.92 13.50 26.18
N GLU B 196 1.50 13.73 24.93
CA GLU B 196 0.24 13.20 24.41
C GLU B 196 0.54 11.95 23.63
N VAL B 197 -0.27 10.92 23.81
CA VAL B 197 -0.08 9.71 23.05
C VAL B 197 -1.42 9.21 22.55
N SER B 198 -1.37 8.34 21.55
CA SER B 198 -2.59 7.69 21.08
C SER B 198 -2.32 6.23 20.77
N VAL B 199 -3.41 5.48 20.80
CA VAL B 199 -3.42 4.06 20.54
C VAL B 199 -4.62 3.78 19.66
N ILE B 200 -4.37 3.04 18.58
CA ILE B 200 -5.42 2.63 17.66
C ILE B 200 -5.72 1.17 17.93
N VAL B 201 -6.96 0.86 18.27
CA VAL B 201 -7.32 -0.51 18.57
C VAL B 201 -8.31 -0.96 17.51
N ILE B 202 -8.16 -2.19 17.04
CA ILE B 202 -9.04 -2.74 16.01
C ILE B 202 -9.70 -3.98 16.54
N ARG B 203 -11.01 -4.13 16.30
CA ARG B 203 -11.71 -5.35 16.70
C ARG B 203 -12.64 -5.76 15.59
N SER B 204 -12.56 -7.03 15.19
CA SER B 204 -13.36 -7.54 14.09
C SER B 204 -14.75 -7.94 14.57
N VAL B 205 -15.64 -8.17 13.61
CA VAL B 205 -16.98 -8.70 13.82
C VAL B 205 -16.96 -9.98 14.67
N SER B 206 -15.88 -10.75 14.58
CA SER B 206 -15.84 -12.00 15.34
C SER B 206 -15.14 -11.82 16.68
N GLY B 207 -14.69 -10.60 16.98
CA GLY B 207 -14.11 -10.28 18.29
C GLY B 207 -12.60 -10.32 18.39
N GLU B 208 -11.94 -10.65 17.28
CA GLU B 208 -10.47 -10.61 17.26
C GLU B 208 -10.01 -9.17 17.46
N THR B 209 -9.02 -8.97 18.32
CA THR B 209 -8.57 -7.64 18.72
C THR B 209 -7.08 -7.43 18.49
N LYS B 210 -6.71 -6.35 17.81
CA LYS B 210 -5.30 -5.98 17.65
C LYS B 210 -5.12 -4.54 18.02
N VAL B 211 -3.97 -4.24 18.58
CA VAL B 211 -3.66 -2.89 18.98
C VAL B 211 -2.36 -2.47 18.29
N PHE B 212 -2.34 -1.25 17.74
CA PHE B 212 -1.11 -0.70 17.17
C PHE B 212 -0.17 -0.15 18.23
N PRO B 213 1.10 0.05 17.87
CA PRO B 213 2.04 0.67 18.80
C PRO B 213 1.63 2.09 19.23
N VAL B 214 1.98 2.44 20.46
CA VAL B 214 1.63 3.76 21.00
C VAL B 214 2.43 4.83 20.26
N ALA B 215 1.74 5.87 19.81
CA ALA B 215 2.34 6.98 19.09
C ALA B 215 2.40 8.17 20.01
N GLU B 216 3.51 8.90 19.95
CA GLU B 216 3.63 10.16 20.65
C GLU B 216 3.26 11.28 19.69
N ASN B 217 2.26 12.08 20.07
CA ASN B 217 1.70 13.08 19.19
C ASN B 217 2.06 14.52 19.56
N ILE B 218 2.42 15.29 18.55
CA ILE B 218 2.74 16.69 18.75
C ILE B 218 1.74 17.50 17.95
N HIS B 219 1.02 18.37 18.67
CA HIS B 219 0.02 19.24 18.07
C HIS B 219 0.58 20.63 18.02
N VAL B 220 0.18 21.40 17.01
CA VAL B 220 0.54 22.81 16.88
C VAL B 220 -0.72 23.55 16.40
N ASN B 221 -1.09 24.64 17.09
CA ASN B 221 -2.35 25.34 16.80
C ASN B 221 -3.53 24.37 16.90
N ASN B 222 -3.42 23.38 17.81
CA ASN B 222 -4.45 22.31 17.98
C ASN B 222 -4.66 21.37 16.79
N ILE B 223 -3.74 21.38 15.84
CA ILE B 223 -3.78 20.46 14.71
C ILE B 223 -2.59 19.52 14.84
N LEU B 224 -2.81 18.21 14.62
CA LEU B 224 -1.72 17.25 14.66
C LEU B 224 -0.59 17.69 13.73
N HIS B 225 0.63 17.69 14.26
CA HIS B 225 1.79 18.06 13.48
C HIS B 225 2.62 16.84 13.19
N GLU B 226 3.02 16.14 14.25
CA GLU B 226 3.85 14.93 14.17
C GLU B 226 3.33 13.79 15.03
N SER B 227 3.47 12.56 14.53
CA SER B 227 3.28 11.34 15.32
C SER B 227 4.61 10.59 15.34
N ILE B 228 5.05 10.21 16.54
CA ILE B 228 6.37 9.62 16.72
C ILE B 228 6.21 8.22 17.28
N VAL B 229 6.75 7.23 16.55
CA VAL B 229 6.59 5.82 16.92
C VAL B 229 7.94 5.07 16.78
N PRO B 230 8.41 4.43 17.88
CA PRO B 230 7.71 4.29 19.18
C PRO B 230 7.66 5.59 19.96
N ALA B 231 6.56 5.81 20.67
CA ALA B 231 6.45 6.97 21.56
C ALA B 231 7.62 6.94 22.55
N ARG B 232 8.19 8.11 22.83
CA ARG B 232 9.34 8.19 23.74
C ARG B 232 8.86 8.22 25.18
N ILE B 233 8.43 7.06 25.65
CA ILE B 233 7.82 6.87 26.96
C ILE B 233 8.34 5.56 27.53
N THR B 234 8.05 5.31 28.80
CA THR B 234 8.53 4.09 29.44
C THR B 234 7.75 2.90 28.92
N GLU B 235 8.39 1.73 28.92
CA GLU B 235 7.70 0.46 28.67
C GLU B 235 6.43 0.33 29.53
N GLU B 236 6.49 0.80 30.77
CA GLU B 236 5.35 0.77 31.69
C GLU B 236 4.17 1.57 31.16
N LEU B 237 4.41 2.80 30.70
CA LEU B 237 3.35 3.62 30.13
C LEU B 237 2.69 2.94 28.92
N SER B 238 3.51 2.35 28.05
CA SER B 238 3.00 1.66 26.84
C SER B 238 2.04 0.56 27.18
N GLN B 239 2.44 -0.34 28.09
CA GLN B 239 1.59 -1.44 28.53
C GLN B 239 0.29 -0.91 29.13
N LYS B 240 0.39 0.22 29.82
CA LYS B 240 -0.79 0.86 30.40
C LYS B 240 -1.68 1.44 29.31
N ALA B 241 -1.09 2.25 28.43
CA ALA B 241 -1.83 2.79 27.28
C ALA B 241 -2.54 1.67 26.49
N ILE B 242 -1.82 0.59 26.19
CA ILE B 242 -2.37 -0.56 25.48
C ILE B 242 -3.53 -1.25 26.22
N ALA B 243 -3.32 -1.55 27.51
CA ALA B 243 -4.38 -2.09 28.38
C ALA B 243 -5.64 -1.21 28.35
N TYR B 244 -5.44 0.11 28.47
CA TYR B 244 -6.56 1.09 28.44
C TYR B 244 -7.36 0.96 27.14
N ALA B 245 -6.68 0.84 26.00
CA ALA B 245 -7.37 0.68 24.71
C ALA B 245 -8.16 -0.62 24.59
N LYS B 246 -7.61 -1.74 25.08
CA LYS B 246 -8.36 -3.00 25.08
C LYS B 246 -9.63 -2.92 25.94
N VAL B 247 -9.51 -2.22 27.07
CA VAL B 247 -10.64 -2.05 27.97
C VAL B 247 -11.74 -1.28 27.26
N LEU B 248 -11.34 -0.21 26.56
CA LEU B 248 -12.30 0.62 25.82
C LEU B 248 -12.99 -0.12 24.68
N ALA B 249 -12.23 -0.89 23.91
CA ALA B 249 -12.79 -1.78 22.90
C ALA B 249 -13.85 -2.72 23.49
N ASP B 250 -13.58 -3.19 24.71
CA ASP B 250 -14.48 -4.07 25.46
C ASP B 250 -15.81 -3.44 25.79
N GLU B 251 -15.73 -2.41 26.62
CA GLU B 251 -16.88 -1.79 27.22
C GLU B 251 -17.72 -1.12 26.14
N LEU B 252 -17.07 -0.63 25.09
CA LEU B 252 -17.79 -0.04 23.97
C LEU B 252 -18.27 -1.05 22.93
N GLU B 253 -17.92 -2.32 23.11
CA GLU B 253 -18.25 -3.39 22.14
C GLU B 253 -17.85 -3.01 20.71
N LEU B 254 -16.59 -2.62 20.58
CA LEU B 254 -16.05 -2.13 19.33
C LEU B 254 -16.16 -3.13 18.21
N VAL B 255 -16.67 -2.68 17.08
CA VAL B 255 -16.41 -3.36 15.82
C VAL B 255 -15.84 -2.32 14.88
N GLY B 256 -14.64 -2.58 14.37
CA GLY B 256 -13.95 -1.64 13.49
C GLY B 256 -12.77 -1.03 14.19
N THR B 257 -12.61 0.29 14.06
CA THR B 257 -11.41 0.97 14.52
C THR B 257 -11.76 1.96 15.62
N LEU B 258 -10.90 2.04 16.64
CA LEU B 258 -11.03 3.07 17.66
C LEU B 258 -9.67 3.69 17.93
N ALA B 259 -9.62 5.02 17.77
CA ALA B 259 -8.45 5.79 18.09
C ALA B 259 -8.70 6.38 19.48
N VAL B 260 -7.72 6.20 20.38
CA VAL B 260 -7.80 6.67 21.77
C VAL B 260 -6.70 7.69 21.99
N GLU B 261 -7.07 8.96 22.17
CA GLU B 261 -6.10 10.00 22.50
C GLU B 261 -5.94 10.11 24.02
N MET B 262 -4.70 10.28 24.46
CA MET B 262 -4.34 10.20 25.88
C MET B 262 -3.37 11.28 26.30
N PHE B 263 -3.42 11.60 27.59
CA PHE B 263 -2.48 12.54 28.18
C PHE B 263 -1.64 11.75 29.18
N ALA B 264 -0.32 11.84 29.06
CA ALA B 264 0.54 11.12 30.00
C ALA B 264 1.24 12.11 30.94
N THR B 265 0.99 11.96 32.24
CA THR B 265 1.54 12.90 33.24
C THR B 265 2.90 12.41 33.79
N ALA B 266 3.69 13.35 34.32
CA ALA B 266 5.07 13.06 34.77
C ALA B 266 5.16 11.92 35.79
N ASP B 267 4.05 11.61 36.45
CA ASP B 267 4.01 10.51 37.42
C ASP B 267 3.51 9.20 36.81
N GLY B 268 3.40 9.17 35.49
CA GLY B 268 3.00 7.95 34.78
C GLY B 268 1.51 7.64 34.78
N GLU B 269 0.71 8.65 35.13
CA GLU B 269 -0.74 8.51 35.02
C GLU B 269 -1.21 8.85 33.60
N ILE B 270 -2.25 8.16 33.12
CA ILE B 270 -2.85 8.42 31.81
C ILE B 270 -4.31 8.88 31.91
N TYR B 271 -4.59 10.04 31.30
CA TYR B 271 -5.96 10.56 31.15
C TYR B 271 -6.44 10.36 29.71
N ILE B 272 -7.66 9.85 29.54
CA ILE B 272 -8.26 9.73 28.23
C ILE B 272 -8.79 11.11 27.82
N ASN B 273 -8.33 11.61 26.67
CA ASN B 273 -8.73 12.92 26.17
C ASN B 273 -9.99 12.82 25.33
N GLU B 274 -9.97 11.91 24.34
CA GLU B 274 -11.11 11.69 23.46
C GLU B 274 -10.95 10.45 22.58
N LEU B 275 -12.07 10.02 22.03
CA LEU B 275 -12.16 8.84 21.19
C LEU B 275 -12.61 9.22 19.78
N ALA B 276 -12.13 8.48 18.77
CA ALA B 276 -12.66 8.58 17.39
C ALA B 276 -12.91 7.16 16.84
N PRO B 277 -14.17 6.85 16.48
CA PRO B 277 -14.55 5.52 16.02
C PRO B 277 -14.24 5.32 14.52
N ARG B 278 -12.98 5.56 14.15
CA ARG B 278 -12.55 5.52 12.76
C ARG B 278 -11.02 5.56 12.74
N PRO B 279 -10.40 5.20 11.59
CA PRO B 279 -8.98 5.51 11.42
C PRO B 279 -8.74 6.98 11.75
N HIS B 280 -7.56 7.27 12.28
CA HIS B 280 -7.26 8.56 12.85
C HIS B 280 -5.96 9.02 12.28
N ASN B 281 -5.80 10.34 12.13
CA ASN B 281 -4.57 10.97 11.64
C ASN B 281 -3.32 10.46 12.38
N SER B 282 -3.45 10.13 13.66
CA SER B 282 -2.29 9.65 14.44
C SER B 282 -1.92 8.22 14.11
N GLY B 283 -2.76 7.52 13.33
CA GLY B 283 -2.43 6.17 12.84
C GLY B 283 -1.88 6.10 11.42
N HIS B 284 -1.70 7.24 10.76
CA HIS B 284 -1.21 7.22 9.37
C HIS B 284 0.16 6.61 9.23
N TYR B 285 0.97 6.70 10.30
CA TYR B 285 2.31 6.07 10.31
C TYR B 285 2.24 4.59 9.92
N THR B 286 1.13 3.91 10.24
CA THR B 286 0.99 2.48 9.99
C THR B 286 1.08 2.08 8.51
N GLN B 287 0.92 3.02 7.59
CA GLN B 287 0.87 2.71 6.16
C GLN B 287 2.25 2.25 5.69
N ASP B 288 3.29 2.81 6.29
CA ASP B 288 4.67 2.53 5.91
C ASP B 288 5.50 1.83 6.97
N ALA B 289 5.07 1.86 8.24
CA ALA B 289 5.92 1.36 9.34
C ALA B 289 5.42 0.09 10.02
N CYS B 290 4.18 -0.29 9.75
CA CYS B 290 3.64 -1.51 10.35
C CYS B 290 3.41 -2.60 9.36
N GLU B 291 3.25 -3.81 9.88
CA GLU B 291 2.99 -4.97 9.05
C GLU B 291 1.64 -4.83 8.32
N THR B 292 0.66 -4.20 8.99
CA THR B 292 -0.65 -3.87 8.40
C THR B 292 -0.97 -2.40 8.69
N SER B 293 -1.62 -1.71 7.75
CA SER B 293 -1.99 -0.33 8.02
C SER B 293 -3.32 -0.33 8.74
N GLN B 294 -3.64 0.80 9.37
CA GLN B 294 -4.91 0.97 10.07
C GLN B 294 -6.08 0.82 9.08
N PHE B 295 -5.83 1.17 7.82
CA PHE B 295 -6.83 1.08 6.76
C PHE B 295 -7.07 -0.34 6.32
N GLY B 296 -5.99 -1.08 6.05
CA GLY B 296 -6.09 -2.54 5.86
C GLY B 296 -6.76 -3.26 7.04
N GLN B 297 -6.43 -2.85 8.25
CA GLN B 297 -7.03 -3.46 9.44
C GLN B 297 -8.53 -3.18 9.52
N HIS B 298 -8.89 -1.92 9.27
CA HIS B 298 -10.30 -1.49 9.30
C HIS B 298 -11.14 -2.31 8.36
N ILE B 299 -10.65 -2.49 7.13
CA ILE B 299 -11.33 -3.30 6.11
C ILE B 299 -11.51 -4.76 6.57
N ARG B 300 -10.43 -5.36 7.06
CA ARG B 300 -10.47 -6.72 7.57
C ARG B 300 -11.45 -6.85 8.75
N ALA B 301 -11.47 -5.84 9.61
CA ALA B 301 -12.34 -5.86 10.80
C ALA B 301 -13.82 -5.96 10.42
N ILE B 302 -14.30 -5.06 9.55
CA ILE B 302 -15.70 -5.02 9.14
C ILE B 302 -16.08 -6.19 8.22
N CYS B 303 -15.14 -6.64 7.41
CA CYS B 303 -15.39 -7.77 6.54
C CYS B 303 -15.26 -9.11 7.26
N ASN B 304 -14.75 -9.07 8.49
CA ASN B 304 -14.52 -10.23 9.34
C ASN B 304 -13.45 -11.18 8.80
N LEU B 305 -12.39 -10.61 8.23
CA LEU B 305 -11.23 -11.41 7.85
C LEU B 305 -10.31 -11.49 9.05
N PRO B 306 -9.43 -12.52 9.07
CA PRO B 306 -8.40 -12.49 10.09
C PRO B 306 -7.69 -11.14 10.01
N LEU B 307 -7.41 -10.55 11.18
CA LEU B 307 -6.69 -9.29 11.23
C LEU B 307 -5.22 -9.53 10.90
N GLY B 308 -4.56 -8.50 10.36
CA GLY B 308 -3.14 -8.57 10.09
C GLY B 308 -2.38 -8.28 11.36
N GLU B 309 -1.06 -8.48 11.33
CA GLU B 309 -0.23 -8.14 12.50
C GLU B 309 0.05 -6.64 12.52
N THR B 310 0.36 -6.13 13.71
CA THR B 310 0.53 -4.69 13.93
C THR B 310 1.95 -4.35 14.38
N ASN B 311 2.86 -5.31 14.25
CA ASN B 311 4.27 -5.06 14.59
C ASN B 311 4.80 -3.80 13.94
N LEU B 312 5.55 -3.02 14.71
CA LEU B 312 6.28 -1.91 14.17
C LEU B 312 7.55 -2.43 13.47
N LEU B 313 7.62 -2.29 12.16
CA LEU B 313 8.75 -2.84 11.42
C LEU B 313 9.94 -1.91 11.30
N LYS B 314 9.72 -0.62 11.56
CA LYS B 314 10.79 0.38 11.53
C LYS B 314 10.26 1.64 12.22
N PRO B 315 11.14 2.35 12.98
CA PRO B 315 10.70 3.60 13.64
C PRO B 315 10.30 4.67 12.63
N VAL B 316 9.39 5.55 13.02
CA VAL B 316 8.74 6.48 12.09
C VAL B 316 8.28 7.78 12.73
N VAL B 317 8.49 8.88 12.01
CA VAL B 317 7.84 10.15 12.33
C VAL B 317 6.90 10.49 11.16
N MET B 318 5.60 10.51 11.44
CA MET B 318 4.65 11.07 10.50
C MET B 318 4.59 12.59 10.65
N VAL B 319 4.68 13.32 9.54
CA VAL B 319 4.49 14.76 9.56
C VAL B 319 3.29 15.12 8.68
N ASN B 320 2.34 15.88 9.23
CA ASN B 320 1.21 16.36 8.45
C ASN B 320 1.60 17.38 7.39
N ILE B 321 0.94 17.27 6.23
CA ILE B 321 1.08 18.26 5.18
C ILE B 321 -0.25 19.01 5.09
N LEU B 322 -0.25 20.27 5.52
CA LEU B 322 -1.44 21.12 5.41
C LEU B 322 -1.35 21.96 4.13
N GLY B 323 -2.43 22.66 3.79
CA GLY B 323 -2.44 23.58 2.63
C GLY B 323 -1.21 24.49 2.62
N GLU B 324 -0.86 25.02 3.80
CA GLU B 324 0.28 25.94 3.95
C GLU B 324 1.64 25.27 3.65
N HIS B 325 1.66 23.95 3.53
CA HIS B 325 2.92 23.20 3.36
C HIS B 325 3.10 22.68 1.97
N ILE B 326 2.00 22.60 1.21
CA ILE B 326 1.99 21.86 -0.05
C ILE B 326 2.98 22.40 -1.09
N GLU B 327 3.06 23.73 -1.20
CA GLU B 327 4.03 24.37 -2.08
C GLU B 327 5.44 23.94 -1.67
N GLY B 328 5.74 24.02 -0.38
CA GLY B 328 7.04 23.59 0.15
C GLY B 328 7.37 22.12 -0.16
N VAL B 329 6.39 21.24 0.01
CA VAL B 329 6.57 19.82 -0.32
C VAL B 329 6.99 19.63 -1.77
N LEU B 330 6.24 20.23 -2.69
CA LEU B 330 6.50 20.07 -4.12
C LEU B 330 7.84 20.67 -4.52
N ARG B 331 8.18 21.81 -3.94
CA ARG B 331 9.48 22.44 -4.17
C ARG B 331 10.63 21.59 -3.64
N GLN B 332 10.41 20.93 -2.51
CA GLN B 332 11.47 20.18 -1.84
C GLN B 332 11.42 18.68 -2.18
N VAL B 333 10.71 18.32 -3.25
CA VAL B 333 10.41 16.91 -3.51
C VAL B 333 11.68 16.09 -3.68
N ASN B 334 12.71 16.71 -4.28
CA ASN B 334 14.00 16.06 -4.52
C ASN B 334 14.81 15.78 -3.24
N ARG B 335 14.31 16.28 -2.11
CA ARG B 335 15.00 16.06 -0.83
C ARG B 335 14.33 15.03 0.08
N LEU B 336 13.31 14.35 -0.44
CA LEU B 336 12.47 13.45 0.36
C LEU B 336 13.02 12.04 0.46
N THR B 337 14.34 11.92 0.47
CA THR B 337 14.95 10.62 0.70
C THR B 337 14.56 10.13 2.12
N GLY B 338 14.23 8.85 2.25
CA GLY B 338 13.73 8.28 3.49
C GLY B 338 12.35 8.77 3.95
N CYS B 339 11.64 9.44 3.06
CA CYS B 339 10.36 10.04 3.39
C CYS B 339 9.33 9.45 2.43
N TYR B 340 8.21 9.00 2.98
CA TYR B 340 7.19 8.29 2.19
C TYR B 340 5.95 9.14 2.09
N LEU B 341 5.80 9.79 0.94
CA LEU B 341 4.79 10.82 0.72
C LEU B 341 3.40 10.23 0.42
N HIS B 342 2.38 10.80 1.02
CA HIS B 342 0.98 10.46 0.73
C HIS B 342 0.25 11.74 0.50
N LEU B 343 -0.42 11.88 -0.64
CA LEU B 343 -1.16 13.09 -0.95
C LEU B 343 -2.55 12.66 -1.35
N TYR B 344 -3.56 13.38 -0.88
CA TYR B 344 -4.92 12.86 -0.91
C TYR B 344 -5.77 13.25 -2.12
N GLY B 345 -5.23 14.06 -3.02
CA GLY B 345 -5.97 14.41 -4.23
C GLY B 345 -7.04 15.47 -4.03
N LYS B 346 -6.98 16.22 -2.92
CA LYS B 346 -7.90 17.36 -2.68
C LYS B 346 -7.67 18.46 -3.72
N GLU B 347 -8.73 18.94 -4.34
CA GLU B 347 -8.55 19.90 -5.43
C GLU B 347 -8.30 21.34 -4.99
N GLU B 348 -8.60 21.66 -3.73
CA GLU B 348 -8.37 23.02 -3.24
C GLU B 348 -7.65 23.03 -1.89
N ALA B 349 -6.53 23.74 -1.85
CA ALA B 349 -5.79 23.98 -0.63
C ALA B 349 -6.41 25.13 0.17
N LYS B 350 -6.51 24.94 1.48
CA LYS B 350 -6.78 25.99 2.44
C LYS B 350 -5.63 25.88 3.43
N ALA B 351 -5.21 27.00 4.01
CA ALA B 351 -3.99 27.03 4.84
C ALA B 351 -3.84 25.86 5.85
N GLN B 352 -4.92 25.55 6.56
CA GLN B 352 -4.87 24.55 7.61
C GLN B 352 -5.60 23.26 7.24
N ARG B 353 -5.96 23.11 5.97
CA ARG B 353 -6.60 21.88 5.50
C ARG B 353 -5.56 20.75 5.33
N LYS B 354 -5.92 19.53 5.72
CA LYS B 354 -5.00 18.39 5.62
C LYS B 354 -4.99 17.90 4.18
N MET B 355 -3.85 18.07 3.52
CA MET B 355 -3.66 17.77 2.10
C MET B 355 -2.92 16.44 1.89
N GLY B 356 -2.16 16.03 2.90
CA GLY B 356 -1.38 14.78 2.84
C GLY B 356 -0.57 14.56 4.11
N HIS B 357 0.35 13.60 4.06
CA HIS B 357 1.31 13.39 5.13
C HIS B 357 2.53 12.72 4.59
N VAL B 358 3.63 12.84 5.32
CA VAL B 358 4.84 12.14 4.97
C VAL B 358 5.30 11.27 6.14
N ASN B 359 5.54 9.98 5.88
CA ASN B 359 6.09 9.09 6.91
C ASN B 359 7.60 9.01 6.72
N ILE B 360 8.34 9.48 7.73
CA ILE B 360 9.80 9.49 7.69
C ILE B 360 10.31 8.28 8.47
N LEU B 361 10.83 7.30 7.74
CA LEU B 361 11.31 6.08 8.38
C LEU B 361 12.80 6.16 8.63
N ASN B 362 13.23 5.70 9.80
CA ASN B 362 14.64 5.66 10.12
C ASN B 362 14.85 4.74 11.31
N ASP B 363 16.00 4.07 11.34
CA ASP B 363 16.34 3.20 12.47
C ASP B 363 16.42 4.05 13.73
N ASN B 364 16.82 5.29 13.58
CA ASN B 364 16.90 6.17 14.72
C ASN B 364 15.86 7.26 14.68
N ILE B 365 14.98 7.22 15.66
CA ILE B 365 13.89 8.19 15.74
C ILE B 365 14.36 9.65 15.71
N GLU B 366 15.51 9.96 16.33
CA GLU B 366 15.95 11.35 16.40
C GLU B 366 16.47 11.87 15.06
N VAL B 367 17.01 10.97 14.22
CA VAL B 367 17.44 11.35 12.86
C VAL B 367 16.21 11.66 11.98
N ALA B 368 15.15 10.87 12.13
CA ALA B 368 13.86 11.13 11.47
C ALA B 368 13.33 12.54 11.84
N LEU B 369 13.34 12.86 13.13
CA LEU B 369 12.94 14.19 13.62
C LEU B 369 13.79 15.30 13.02
N GLU B 370 15.10 15.07 12.98
CA GLU B 370 16.02 16.03 12.39
C GLU B 370 15.78 16.22 10.89
N LYS B 371 15.46 15.14 10.19
CA LYS B 371 15.10 15.21 8.77
C LYS B 371 13.94 16.18 8.52
N ALA B 372 12.91 16.07 9.36
CA ALA B 372 11.73 16.94 9.26
C ALA B 372 12.15 18.40 9.41
N LYS B 373 13.04 18.66 10.38
CA LYS B 373 13.55 20.02 10.63
C LYS B 373 14.40 20.53 9.47
N SER B 374 15.33 19.70 8.98
CA SER B 374 16.25 20.10 7.90
C SER B 374 15.55 20.37 6.57
N LEU B 375 14.35 19.81 6.40
CA LEU B 375 13.58 20.08 5.18
C LEU B 375 13.01 21.50 5.16
N HIS B 376 12.85 22.09 6.35
CA HIS B 376 12.33 23.47 6.52
C HIS B 376 10.93 23.70 6.05
N ILE B 377 10.29 22.65 5.53
CA ILE B 377 8.87 22.72 5.16
C ILE B 377 7.98 23.17 6.32
N TRP B 378 8.28 22.70 7.53
CA TRP B 378 7.43 23.00 8.69
C TRP B 378 8.07 24.01 9.63
N ASP B 379 8.75 25.02 9.07
CA ASP B 379 9.34 26.11 9.88
C ASP B 379 8.31 26.82 10.76
N HIS B 380 7.10 27.02 10.23
CA HIS B 380 6.00 27.64 10.98
C HIS B 380 5.70 26.85 12.23
N GLN B 381 5.58 25.53 12.11
CA GLN B 381 5.34 24.67 13.26
C GLN B 381 6.50 24.62 14.25
N GLU B 382 7.73 24.58 13.72
CA GLU B 382 8.93 24.53 14.58
C GLU B 382 9.14 25.86 15.32
N GLN B 383 8.82 26.98 14.67
CA GLN B 383 8.88 28.29 15.31
C GLN B 383 7.84 28.45 16.41
N LEU B 384 6.64 27.92 16.20
CA LEU B 384 5.59 27.97 17.23
C LEU B 384 5.92 27.10 18.44
N LEU B 385 6.66 26.01 18.22
CA LEU B 385 7.03 25.09 19.31
C LEU B 385 8.21 25.58 20.16
N GLU B 386 8.82 26.71 19.78
CA GLU B 386 9.97 27.27 20.51
C GLU B 386 9.58 27.88 21.85
PB ADP C . 10.18 -18.39 -19.93
O1B ADP C . 8.96 -18.99 -20.58
O2B ADP C . 10.69 -17.15 -20.60
O3B ADP C . 10.04 -18.22 -18.42
PA ADP C . 12.70 -19.65 -19.33
O1A ADP C . 12.50 -18.98 -17.98
O2A ADP C . 13.87 -19.28 -20.20
O3A ADP C . 11.31 -19.52 -20.16
O5' ADP C . 12.81 -21.25 -19.03
C5' ADP C . 11.80 -21.86 -18.23
C4' ADP C . 12.33 -22.92 -17.27
O4' ADP C . 13.11 -23.89 -17.97
C3' ADP C . 13.24 -22.35 -16.20
O3' ADP C . 12.52 -22.02 -15.02
C2' ADP C . 14.22 -23.48 -15.94
O2' ADP C . 13.64 -24.43 -15.06
C1' ADP C . 14.31 -24.20 -17.26
N9 ADP C . 15.48 -23.74 -18.04
C8 ADP C . 15.47 -22.80 -19.01
N7 ADP C . 16.70 -22.63 -19.55
C5 ADP C . 17.54 -23.48 -18.92
C6 ADP C . 18.98 -23.82 -19.00
N6 ADP C . 19.84 -23.22 -19.88
N1 ADP C . 19.44 -24.76 -18.14
C2 ADP C . 18.65 -25.38 -17.25
N3 ADP C . 17.33 -25.12 -17.13
C4 ADP C . 16.73 -24.21 -17.93
MG MG D . 11.41 -17.51 -16.92
C CO3 E . 6.28 -12.27 -14.62
O1 CO3 E . 6.64 -12.44 -15.78
O2 CO3 E . 5.92 -11.16 -14.21
O3 CO3 E . 6.30 -13.25 -13.88
PG ATP F . -9.24 16.87 16.97
O1G ATP F . -8.33 15.75 17.40
O2G ATP F . -8.77 17.66 15.77
O3G ATP F . -10.68 16.47 16.92
PB ATP F . -10.31 18.60 19.05
O1B ATP F . -10.81 19.79 18.28
O2B ATP F . -11.28 17.59 19.55
O3B ATP F . -9.08 17.91 18.22
PA ATP F . -9.01 18.24 21.58
O1A ATP F . -8.43 16.96 21.01
O2A ATP F . -9.99 18.17 22.72
O3A ATP F . -9.60 19.17 20.39
O5' ATP F . -7.79 19.17 22.02
C5' ATP F . -6.81 19.54 21.06
C4' ATP F . -5.51 19.69 21.83
O4' ATP F . -5.66 20.67 22.88
C3' ATP F . -5.11 18.41 22.54
O3' ATP F . -4.46 17.43 21.70
C2' ATP F . -4.25 18.95 23.68
O2' ATP F . -2.91 19.21 23.24
C1' ATP F . -4.94 20.26 24.05
N9 ATP F . -5.87 19.99 25.17
C8 ATP F . -7.19 19.69 25.08
N7 ATP F . -7.73 19.47 26.30
C5 ATP F . -6.75 19.63 27.22
C6 ATP F . -6.62 19.56 28.70
N6 ATP F . -7.69 19.26 29.49
N1 ATP F . -5.41 19.81 29.24
C2 ATP F . -4.32 20.12 28.49
N3 ATP F . -4.37 20.19 27.16
C4 ATP F . -5.52 19.98 26.47
MG MG G . -7.84 15.57 19.59
MG MG H . -14.93 11.91 20.18
C CO3 I . -8.06 13.03 13.44
O1 CO3 I . -9.05 13.43 14.04
O2 CO3 I . -8.16 12.08 12.64
O3 CO3 I . -6.98 13.57 13.60
#